data_2AF7
#
_entry.id   2AF7
#
_cell.length_a   183.306
_cell.length_b   119.109
_cell.length_c   73.620
_cell.angle_alpha   90.00
_cell.angle_beta   102.80
_cell.angle_gamma   90.00
#
_symmetry.space_group_name_H-M   'C 1 2 1'
#
loop_
_entity.id
_entity.type
_entity.pdbx_description
1 polymer 'gamma-carboxymuconolactone decarboxylase'
2 water water
#
_entity_poly.entity_id   1
_entity_poly.type   'polypeptide(L)'
_entity_poly.pdbx_seq_one_letter_code
;(MSE)ERYRRG(MSE)EILNR(MSE)NRKSYTAIRDELEDVAPDLARFVAEFAYGDVYSRGVLDLKTRELLTLAALTVLR
ADDQLKSHVRGALNAGCSKDEIIEV(MSE)IQ(MSE)AVYAGFPAAINAVLAAKEVFTENDPAEV
;
_entity_poly.pdbx_strand_id   A,B,C,D,E,F,G,H,I
#
# COMPACT_ATOMS: atom_id res chain seq x y z
N MSE A 1 10.96 20.74 -13.91
CA MSE A 1 10.46 20.52 -12.53
C MSE A 1 8.92 20.59 -12.52
O MSE A 1 8.34 21.58 -12.95
CB MSE A 1 11.04 21.56 -11.60
CG MSE A 1 11.67 20.97 -10.35
SE MSE A 1 12.67 22.23 -9.31
CE MSE A 1 11.20 23.15 -8.42
N GLU A 2 8.28 19.55 -12.00
CA GLU A 2 6.82 19.48 -12.03
C GLU A 2 6.23 18.74 -10.84
N ARG A 3 6.49 17.44 -10.85
CA ARG A 3 6.00 16.49 -9.85
C ARG A 3 6.62 16.72 -8.51
N TYR A 4 7.78 17.36 -8.49
CA TYR A 4 8.44 17.61 -7.24
C TYR A 4 7.54 18.39 -6.29
N ARG A 5 6.98 19.48 -6.77
CA ARG A 5 6.15 20.26 -5.89
C ARG A 5 4.91 19.47 -5.49
N ARG A 6 4.36 18.72 -6.43
CA ARG A 6 3.18 17.93 -6.10
C ARG A 6 3.51 17.02 -4.92
N GLY A 7 4.64 16.32 -5.02
CA GLY A 7 5.05 15.44 -3.94
C GLY A 7 5.17 16.16 -2.63
N MSE A 8 5.93 17.25 -2.61
CA MSE A 8 6.11 18.04 -1.39
C MSE A 8 4.79 18.59 -0.87
O MSE A 8 4.57 18.67 0.35
CB MSE A 8 7.12 19.16 -1.61
CG MSE A 8 8.57 18.69 -1.80
SE MSE A 8 9.27 17.68 -0.28
CE MSE A 8 10.54 18.96 0.41
N GLU A 9 3.89 18.98 -1.78
CA GLU A 9 2.59 19.51 -1.39
C GLU A 9 1.89 18.49 -0.50
N ILE A 10 1.76 17.27 -1.00
CA ILE A 10 1.09 16.22 -0.24
C ILE A 10 1.77 15.95 1.09
N LEU A 11 3.08 15.81 1.04
CA LEU A 11 3.84 15.53 2.23
C LEU A 11 3.53 16.58 3.30
N ASN A 12 3.68 17.85 2.92
CA ASN A 12 3.44 18.98 3.79
C ASN A 12 2.03 18.97 4.36
N ARG A 13 1.05 18.88 3.46
CA ARG A 13 -0.34 18.88 3.89
C ARG A 13 -0.70 17.80 4.88
N MSE A 14 -0.28 16.55 4.66
CA MSE A 14 -0.69 15.53 5.62
C MSE A 14 0.36 14.80 6.48
O MSE A 14 0.02 13.88 7.22
CB MSE A 14 -1.64 14.51 4.96
CG MSE A 14 -1.34 14.16 3.50
SE MSE A 14 -2.70 12.95 2.73
CE MSE A 14 -2.57 11.47 3.95
N ASN A 15 1.61 15.21 6.41
CA ASN A 15 2.63 14.61 7.28
C ASN A 15 3.75 15.62 7.46
N ARG A 16 3.41 16.77 8.03
CA ARG A 16 4.36 17.87 8.25
C ARG A 16 5.59 17.50 9.06
N LYS A 17 5.47 16.47 9.87
CA LYS A 17 6.61 16.07 10.68
C LYS A 17 7.56 15.29 9.80
N SER A 18 7.02 14.54 8.84
CA SER A 18 7.85 13.76 7.93
C SER A 18 8.37 14.67 6.83
N TYR A 19 7.68 15.79 6.62
CA TYR A 19 8.09 16.76 5.61
C TYR A 19 9.41 17.35 6.10
N THR A 20 9.38 17.90 7.29
CA THR A 20 10.55 18.52 7.87
C THR A 20 11.69 17.52 7.96
N ALA A 21 11.38 16.27 8.25
CA ALA A 21 12.41 15.23 8.32
C ALA A 21 13.11 15.13 6.97
N ILE A 22 12.35 15.18 5.89
CA ILE A 22 12.97 15.10 4.58
C ILE A 22 13.94 16.27 4.38
N ARG A 23 13.65 17.41 4.99
CA ARG A 23 14.52 18.59 4.88
C ARG A 23 15.77 18.41 5.74
N ASP A 24 15.73 17.46 6.67
CA ASP A 24 16.85 17.19 7.57
C ASP A 24 17.58 15.89 7.27
N GLU A 25 17.71 15.61 5.98
CA GLU A 25 18.40 14.42 5.44
C GLU A 25 18.50 14.67 3.93
N LEU A 26 18.01 15.83 3.51
CA LEU A 26 18.07 16.25 2.11
C LEU A 26 19.44 16.84 1.98
N GLU A 27 19.95 17.14 3.14
CA GLU A 27 21.22 17.76 3.21
C GLU A 27 22.40 16.90 3.23
N ASP A 28 22.20 15.65 3.65
CA ASP A 28 23.43 14.89 3.88
C ASP A 28 23.40 14.45 2.52
N VAL A 29 22.72 13.37 2.23
CA VAL A 29 22.42 13.30 0.81
C VAL A 29 21.58 12.70 0.04
N ALA A 30 20.74 13.57 -0.38
CA ALA A 30 20.23 13.20 -1.64
C ALA A 30 19.42 14.39 -2.10
N PRO A 31 20.00 15.51 -2.68
CA PRO A 31 18.75 16.21 -2.89
C PRO A 31 18.15 15.24 -3.88
N ASP A 32 19.07 14.57 -4.57
CA ASP A 32 18.70 13.53 -5.52
C ASP A 32 17.75 12.46 -4.93
N LEU A 33 18.03 11.88 -3.75
CA LEU A 33 17.11 10.87 -3.16
C LEU A 33 15.88 11.54 -2.53
N ALA A 34 16.08 12.66 -1.86
CA ALA A 34 14.95 13.36 -1.26
C ALA A 34 14.07 13.90 -2.39
N ARG A 35 14.68 14.05 -3.55
CA ARG A 35 13.98 14.51 -4.74
C ARG A 35 13.09 13.36 -5.16
N PHE A 36 13.71 12.21 -5.42
CA PHE A 36 12.97 11.03 -5.85
C PHE A 36 11.81 10.62 -4.94
N VAL A 37 11.93 10.87 -3.65
CA VAL A 37 10.83 10.50 -2.76
C VAL A 37 9.68 11.50 -2.99
N ALA A 38 10.02 12.76 -3.18
CA ALA A 38 9.01 13.75 -3.40
C ALA A 38 8.42 13.53 -4.78
N GLU A 39 9.31 13.42 -5.76
CA GLU A 39 8.97 13.24 -7.19
C GLU A 39 8.31 11.95 -7.63
N PHE A 40 8.88 10.83 -7.22
CA PHE A 40 8.37 9.52 -7.59
C PHE A 40 7.46 8.87 -6.53
N ALA A 41 7.96 8.73 -5.32
CA ALA A 41 7.20 8.09 -4.27
C ALA A 41 5.84 8.70 -3.98
N TYR A 42 5.76 10.01 -3.85
CA TYR A 42 4.48 10.59 -3.54
C TYR A 42 3.65 11.18 -4.67
N GLY A 43 4.20 12.08 -5.45
CA GLY A 43 3.38 12.65 -6.50
C GLY A 43 3.31 11.86 -7.79
N ASP A 44 3.76 10.62 -7.74
CA ASP A 44 3.76 9.78 -8.94
C ASP A 44 3.04 8.46 -8.73
N VAL A 45 3.25 7.84 -7.57
CA VAL A 45 2.64 6.56 -7.29
C VAL A 45 1.61 6.60 -6.17
N TYR A 46 1.86 7.41 -5.15
CA TYR A 46 0.93 7.53 -4.01
C TYR A 46 -0.31 8.31 -4.38
N SER A 47 -0.12 9.33 -5.21
CA SER A 47 -1.21 10.20 -5.65
C SER A 47 -2.16 9.53 -6.65
N ARG A 48 -1.87 8.27 -6.98
CA ARG A 48 -2.72 7.52 -7.91
C ARG A 48 -3.93 7.15 -7.06
N GLY A 49 -5.12 7.16 -7.66
CA GLY A 49 -6.31 6.86 -6.88
C GLY A 49 -7.21 5.69 -7.24
N VAL A 50 -6.64 4.53 -7.49
CA VAL A 50 -7.44 3.35 -7.83
C VAL A 50 -7.82 2.71 -6.51
N LEU A 51 -7.08 3.03 -5.46
CA LEU A 51 -7.36 2.48 -4.13
C LEU A 51 -7.77 3.57 -3.14
N ASP A 52 -8.78 3.29 -2.32
CA ASP A 52 -9.24 4.25 -1.33
C ASP A 52 -8.04 4.87 -0.65
N LEU A 53 -8.14 6.12 -0.26
CA LEU A 53 -7.03 6.79 0.42
C LEU A 53 -6.67 6.02 1.71
N LYS A 54 -7.67 5.57 2.46
CA LYS A 54 -7.45 4.83 3.70
C LYS A 54 -6.63 3.57 3.43
N THR A 55 -7.11 2.79 2.48
CA THR A 55 -6.50 1.54 2.04
C THR A 55 -5.03 1.70 1.65
N ARG A 56 -4.76 2.71 0.84
CA ARG A 56 -3.40 2.99 0.39
C ARG A 56 -2.52 3.31 1.62
N GLU A 57 -3.12 3.64 2.75
CA GLU A 57 -2.31 3.92 3.92
C GLU A 57 -2.09 2.68 4.79
N LEU A 58 -3.03 1.75 4.81
CA LEU A 58 -2.84 0.53 5.59
C LEU A 58 -1.80 -0.37 4.90
N LEU A 59 -1.82 -0.40 3.58
CA LEU A 59 -0.88 -1.23 2.84
C LEU A 59 0.55 -0.86 3.23
N THR A 60 0.81 0.45 3.23
CA THR A 60 2.11 1.00 3.61
C THR A 60 2.51 0.46 4.99
N LEU A 61 1.54 0.38 5.90
CA LEU A 61 1.81 -0.12 7.23
C LEU A 61 1.97 -1.64 7.24
N ALA A 62 1.37 -2.33 6.28
CA ALA A 62 1.50 -3.78 6.26
C ALA A 62 2.90 -4.07 5.82
N ALA A 63 3.30 -3.42 4.73
CA ALA A 63 4.61 -3.59 4.15
C ALA A 63 5.74 -3.29 5.15
N LEU A 64 5.70 -2.13 5.78
CA LEU A 64 6.71 -1.74 6.74
C LEU A 64 6.82 -2.66 7.95
N THR A 65 5.73 -3.31 8.34
CA THR A 65 5.77 -4.23 9.47
C THR A 65 6.57 -5.49 9.16
N VAL A 66 6.48 -5.93 7.92
CA VAL A 66 7.18 -7.12 7.45
C VAL A 66 8.69 -6.86 7.30
N LEU A 67 9.04 -5.65 6.88
CA LEU A 67 10.42 -5.25 6.69
C LEU A 67 11.07 -4.79 8.02
N ARG A 68 10.29 -4.79 9.09
CA ARG A 68 10.78 -4.36 10.39
C ARG A 68 11.41 -2.97 10.38
N ALA A 69 10.95 -2.08 9.52
CA ALA A 69 11.50 -0.73 9.48
C ALA A 69 10.85 0.11 10.57
N ASP A 70 11.33 0.00 11.80
CA ASP A 70 10.76 0.74 12.92
C ASP A 70 10.72 2.25 12.74
N ASP A 71 11.66 2.78 11.98
CA ASP A 71 11.71 4.22 11.74
C ASP A 71 10.56 4.70 10.84
N GLN A 72 10.47 4.15 9.63
CA GLN A 72 9.44 4.54 8.68
C GLN A 72 8.03 4.20 9.20
N LEU A 73 7.97 3.17 10.05
CA LEU A 73 6.72 2.71 10.62
C LEU A 73 6.03 3.71 11.56
N LYS A 74 6.81 4.43 12.37
CA LYS A 74 6.23 5.41 13.27
C LYS A 74 5.72 6.59 12.47
N SER A 75 6.48 6.95 11.43
CA SER A 75 6.11 8.07 10.58
C SER A 75 4.83 7.83 9.79
N HIS A 76 4.68 6.63 9.26
CA HIS A 76 3.50 6.30 8.47
C HIS A 76 2.26 6.09 9.30
N VAL A 77 2.45 5.82 10.58
CA VAL A 77 1.33 5.64 11.47
C VAL A 77 0.77 7.04 11.65
N ARG A 78 1.68 7.98 11.88
CA ARG A 78 1.33 9.39 12.05
C ARG A 78 0.45 9.78 10.86
N GLY A 79 0.93 9.52 9.66
CA GLY A 79 0.18 9.85 8.47
C GLY A 79 -1.01 8.94 8.23
N ALA A 80 -1.15 7.90 9.04
CA ALA A 80 -2.28 6.98 8.90
C ALA A 80 -3.43 7.58 9.68
N LEU A 81 -3.13 8.00 10.89
CA LEU A 81 -4.10 8.65 11.76
C LEU A 81 -4.54 9.93 11.06
N ASN A 82 -3.60 10.58 10.40
CA ASN A 82 -3.91 11.82 9.68
C ASN A 82 -4.90 11.56 8.54
N ALA A 83 -4.83 10.37 7.95
CA ALA A 83 -5.71 10.02 6.84
C ALA A 83 -7.07 9.52 7.29
N GLY A 84 -7.30 9.51 8.59
CA GLY A 84 -8.59 9.06 9.06
C GLY A 84 -8.60 7.62 9.52
N CYS A 85 -7.44 6.96 9.50
CA CYS A 85 -7.40 5.59 9.96
C CYS A 85 -7.52 5.56 11.48
N SER A 86 -8.51 4.85 11.99
CA SER A 86 -8.71 4.76 13.43
C SER A 86 -7.58 3.97 14.05
N LYS A 87 -7.37 4.13 15.35
CA LYS A 87 -6.31 3.38 15.99
C LYS A 87 -6.69 1.92 15.94
N ASP A 88 -7.99 1.62 15.96
CA ASP A 88 -8.43 0.24 15.91
C ASP A 88 -7.89 -0.38 14.63
N GLU A 89 -8.04 0.35 13.54
CA GLU A 89 -7.58 -0.10 12.23
C GLU A 89 -6.08 -0.34 12.12
N ILE A 90 -5.27 0.55 12.70
CA ILE A 90 -3.82 0.38 12.61
C ILE A 90 -3.37 -0.90 13.28
N ILE A 91 -3.87 -1.14 14.48
CA ILE A 91 -3.53 -2.33 15.23
C ILE A 91 -4.05 -3.59 14.56
N GLU A 92 -5.20 -3.53 13.93
CA GLU A 92 -5.74 -4.72 13.26
C GLU A 92 -4.85 -5.26 12.16
N VAL A 93 -4.29 -4.36 11.35
CA VAL A 93 -3.43 -4.80 10.26
C VAL A 93 -2.14 -5.41 10.78
N MSE A 94 -1.65 -4.93 11.91
CA MSE A 94 -0.43 -5.45 12.49
C MSE A 94 -0.72 -6.80 13.12
O MSE A 94 0.11 -7.71 13.08
CB MSE A 94 0.15 -4.45 13.49
CG MSE A 94 0.47 -3.11 12.84
SE MSE A 94 1.12 -1.68 13.98
CE MSE A 94 -0.11 -1.91 15.39
N ILE A 95 -1.90 -6.96 13.70
CA ILE A 95 -2.26 -8.24 14.29
C ILE A 95 -2.36 -9.26 13.16
N GLN A 96 -2.76 -8.80 11.99
CA GLN A 96 -2.88 -9.74 10.88
C GLN A 96 -1.52 -10.09 10.31
N MSE A 97 -0.55 -9.21 10.46
CA MSE A 97 0.78 -9.49 9.93
C MSE A 97 1.43 -10.64 10.68
O MSE A 97 2.33 -11.31 10.18
CB MSE A 97 1.65 -8.26 10.00
CG MSE A 97 1.25 -7.21 9.00
SE MSE A 97 1.16 -7.94 7.22
CE MSE A 97 -0.75 -8.15 6.98
N ALA A 98 0.94 -10.90 11.88
CA ALA A 98 1.50 -11.98 12.68
C ALA A 98 1.32 -13.31 11.98
N VAL A 99 0.32 -13.39 11.13
CA VAL A 99 0.06 -14.62 10.46
C VAL A 99 0.91 -14.79 9.21
N TYR A 100 1.03 -13.75 8.40
CA TYR A 100 1.81 -13.90 7.18
C TYR A 100 3.30 -13.60 7.28
N ALA A 101 3.72 -12.98 8.39
CA ALA A 101 5.12 -12.61 8.57
C ALA A 101 5.70 -13.05 9.91
N GLY A 102 4.83 -13.53 10.79
CA GLY A 102 5.30 -14.01 12.09
C GLY A 102 5.06 -13.09 13.28
N PHE A 103 4.81 -13.69 14.43
CA PHE A 103 4.59 -12.95 15.67
C PHE A 103 5.61 -11.84 15.96
N PRO A 104 6.91 -12.14 15.83
CA PRO A 104 7.90 -11.09 16.10
C PRO A 104 7.76 -9.84 15.24
N ALA A 105 7.13 -9.95 14.08
CA ALA A 105 6.98 -8.79 13.21
C ALA A 105 5.88 -7.87 13.69
N ALA A 106 4.81 -8.49 14.19
CA ALA A 106 3.65 -7.79 14.70
C ALA A 106 4.00 -7.17 16.05
N ILE A 107 4.38 -8.00 17.01
CA ILE A 107 4.75 -7.52 18.33
C ILE A 107 5.65 -6.29 18.17
N ASN A 108 6.67 -6.43 17.32
CA ASN A 108 7.60 -5.35 17.07
C ASN A 108 6.89 -4.08 16.59
N ALA A 109 6.02 -4.22 15.58
CA ALA A 109 5.29 -3.11 15.00
C ALA A 109 4.29 -2.46 15.98
N VAL A 110 3.50 -3.27 16.66
CA VAL A 110 2.53 -2.78 17.61
C VAL A 110 3.24 -1.89 18.64
N LEU A 111 4.33 -2.38 19.21
CA LEU A 111 5.08 -1.61 20.18
C LEU A 111 5.53 -0.29 19.58
N ALA A 112 5.76 -0.29 18.28
CA ALA A 112 6.18 0.91 17.60
C ALA A 112 4.97 1.83 17.55
N ALA A 113 3.82 1.26 17.21
CA ALA A 113 2.59 2.03 17.15
C ALA A 113 2.31 2.67 18.51
N LYS A 114 2.51 1.91 19.56
CA LYS A 114 2.28 2.40 20.92
C LYS A 114 2.99 3.72 21.19
N GLU A 115 4.28 3.80 20.89
CA GLU A 115 5.04 5.04 21.10
C GLU A 115 4.37 6.23 20.42
N VAL A 116 3.82 6.02 19.23
CA VAL A 116 3.17 7.09 18.48
C VAL A 116 1.82 7.51 19.04
N PHE A 117 1.02 6.54 19.50
CA PHE A 117 -0.28 6.85 20.08
C PHE A 117 -0.16 7.64 21.37
N THR A 118 1.07 7.87 21.81
CA THR A 118 1.33 8.60 23.03
C THR A 118 2.04 9.91 22.72
N GLU A 119 1.28 10.89 22.26
CA GLU A 119 1.83 12.20 21.92
C GLU A 119 2.40 12.89 23.15
N GLU B 2 -55.53 53.06 -7.22
CA GLU B 2 -55.96 52.99 -5.79
C GLU B 2 -56.69 51.71 -5.52
N ARG B 3 -57.62 51.39 -6.42
CA ARG B 3 -58.42 50.18 -6.33
C ARG B 3 -57.94 49.15 -7.35
N TYR B 4 -56.91 48.39 -6.99
CA TYR B 4 -56.41 47.38 -7.91
C TYR B 4 -57.26 46.13 -7.80
N ARG B 5 -58.51 46.33 -8.16
CA ARG B 5 -59.53 45.31 -8.20
C ARG B 5 -59.34 44.78 -9.61
N ARG B 6 -58.62 45.56 -10.40
CA ARG B 6 -58.34 45.20 -11.77
C ARG B 6 -57.61 43.87 -11.79
N GLY B 7 -56.69 43.70 -10.84
CA GLY B 7 -55.95 42.46 -10.76
C GLY B 7 -56.88 41.36 -10.31
N MSE B 8 -57.80 41.71 -9.42
CA MSE B 8 -58.77 40.75 -8.91
C MSE B 8 -59.56 40.15 -10.07
O MSE B 8 -59.97 38.99 -10.02
CB MSE B 8 -59.72 41.43 -7.92
CG MSE B 8 -59.04 42.04 -6.69
SE MSE B 8 -58.49 40.75 -5.33
CE MSE B 8 -60.22 40.37 -4.52
N GLU B 9 -59.80 40.96 -11.10
CA GLU B 9 -60.56 40.51 -12.26
C GLU B 9 -59.87 39.33 -12.88
N ILE B 10 -58.62 39.53 -13.26
CA ILE B 10 -57.81 38.47 -13.87
C ILE B 10 -57.68 37.30 -12.90
N LEU B 11 -57.36 37.65 -11.67
CA LEU B 11 -57.15 36.70 -10.59
C LEU B 11 -58.38 35.87 -10.20
N ASN B 12 -59.58 36.40 -10.48
CA ASN B 12 -60.80 35.67 -10.13
C ASN B 12 -61.26 34.68 -11.17
N ARG B 13 -61.42 35.14 -12.40
CA ARG B 13 -61.89 34.29 -13.48
C ARG B 13 -60.87 33.20 -13.83
N MSE B 14 -59.60 33.55 -13.71
CA MSE B 14 -58.50 32.64 -14.02
C MSE B 14 -58.21 31.60 -12.94
O MSE B 14 -58.07 30.41 -13.24
CB MSE B 14 -57.23 33.43 -14.29
CG MSE B 14 -56.02 32.56 -14.60
SE MSE B 14 -54.36 33.39 -14.04
CE MSE B 14 -53.57 33.77 -15.75
N ASN B 15 -58.13 32.04 -11.70
CA ASN B 15 -57.83 31.14 -10.60
C ASN B 15 -58.18 31.76 -9.24
N ARG B 16 -59.47 32.01 -9.00
CA ARG B 16 -59.88 32.60 -7.74
C ARG B 16 -59.70 31.69 -6.53
N LYS B 17 -59.96 30.40 -6.70
CA LYS B 17 -59.83 29.46 -5.60
C LYS B 17 -58.41 29.47 -5.02
N SER B 18 -57.42 29.45 -5.91
CA SER B 18 -56.02 29.44 -5.50
C SER B 18 -55.55 30.83 -5.02
N TYR B 19 -56.50 31.72 -4.79
CA TYR B 19 -56.19 33.07 -4.31
C TYR B 19 -56.96 33.36 -3.04
N THR B 20 -58.15 32.81 -2.91
CA THR B 20 -58.96 33.00 -1.72
C THR B 20 -58.23 32.21 -0.63
N ALA B 21 -57.67 31.09 -1.05
CA ALA B 21 -56.96 30.20 -0.16
C ALA B 21 -55.64 30.78 0.31
N ILE B 22 -55.09 31.74 -0.42
CA ILE B 22 -53.84 32.36 0.01
C ILE B 22 -54.13 33.60 0.87
N ARG B 23 -55.41 33.83 1.17
CA ARG B 23 -55.81 34.92 2.03
C ARG B 23 -55.55 34.41 3.45
N ASP B 24 -54.95 33.23 3.54
CA ASP B 24 -54.64 32.61 4.81
C ASP B 24 -53.21 32.96 5.24
N GLU B 25 -52.82 34.16 4.87
CA GLU B 25 -51.52 34.73 5.20
C GLU B 25 -51.86 36.21 5.13
N LEU B 26 -53.04 36.48 4.62
CA LEU B 26 -53.54 37.83 4.51
C LEU B 26 -53.93 38.20 5.93
N GLU B 27 -54.49 37.23 6.64
CA GLU B 27 -54.96 37.43 8.00
C GLU B 27 -53.99 37.11 9.15
N ASP B 28 -52.81 36.58 8.84
CA ASP B 28 -51.86 36.26 9.90
C ASP B 28 -51.06 37.52 10.18
N VAL B 29 -50.51 38.06 9.11
CA VAL B 29 -49.68 39.25 9.16
C VAL B 29 -50.20 40.25 8.14
N ALA B 30 -49.38 41.25 7.86
CA ALA B 30 -49.73 42.27 6.90
C ALA B 30 -50.15 41.53 5.65
N PRO B 31 -51.39 41.76 5.21
CA PRO B 31 -51.90 41.13 4.01
C PRO B 31 -51.29 41.91 2.87
N ASP B 32 -50.50 42.91 3.24
CA ASP B 32 -49.81 43.75 2.26
C ASP B 32 -49.22 42.89 1.15
N LEU B 33 -48.59 41.78 1.53
CA LEU B 33 -47.99 40.88 0.56
C LEU B 33 -49.05 40.37 -0.43
N ALA B 34 -50.21 39.99 0.08
CA ALA B 34 -51.31 39.51 -0.77
C ALA B 34 -51.88 40.70 -1.52
N ARG B 35 -52.10 41.80 -0.82
CA ARG B 35 -52.61 42.99 -1.47
C ARG B 35 -51.69 43.20 -2.67
N PHE B 36 -50.39 43.26 -2.40
CA PHE B 36 -49.40 43.46 -3.44
C PHE B 36 -49.51 42.43 -4.56
N VAL B 37 -50.05 41.26 -4.26
CA VAL B 37 -50.17 40.26 -5.31
C VAL B 37 -50.98 40.87 -6.45
N ALA B 38 -52.22 41.30 -6.15
CA ALA B 38 -53.10 41.88 -7.16
C ALA B 38 -52.66 43.29 -7.56
N GLU B 39 -52.18 44.06 -6.59
CA GLU B 39 -51.74 45.41 -6.88
C GLU B 39 -50.63 45.45 -7.93
N PHE B 40 -49.56 44.69 -7.70
CA PHE B 40 -48.43 44.70 -8.63
C PHE B 40 -48.35 43.54 -9.62
N ALA B 41 -48.54 42.33 -9.13
CA ALA B 41 -48.45 41.14 -9.97
C ALA B 41 -49.50 41.09 -11.07
N TYR B 42 -50.75 40.89 -10.69
CA TYR B 42 -51.85 40.84 -11.65
C TYR B 42 -52.40 42.22 -12.00
N GLY B 43 -51.89 43.24 -11.31
CA GLY B 43 -52.35 44.58 -11.55
C GLY B 43 -51.58 45.30 -12.64
N ASP B 44 -50.25 45.22 -12.62
CA ASP B 44 -49.45 45.89 -13.63
C ASP B 44 -48.52 45.01 -14.47
N VAL B 45 -48.80 43.73 -14.54
CA VAL B 45 -47.98 42.83 -15.34
C VAL B 45 -48.84 41.91 -16.18
N TYR B 46 -49.62 41.03 -15.56
CA TYR B 46 -50.47 40.14 -16.35
C TYR B 46 -51.48 40.96 -17.15
N SER B 47 -51.97 42.03 -16.55
CA SER B 47 -52.93 42.90 -17.22
C SER B 47 -52.18 43.53 -18.39
N ARG B 48 -50.93 43.87 -18.12
CA ARG B 48 -50.04 44.49 -19.09
C ARG B 48 -49.69 43.49 -20.18
N GLY B 49 -50.71 42.93 -20.82
CA GLY B 49 -50.50 41.93 -21.85
C GLY B 49 -50.15 42.38 -23.25
N VAL B 50 -49.37 41.53 -23.90
CA VAL B 50 -48.90 41.68 -25.28
C VAL B 50 -48.52 40.24 -25.61
N LEU B 51 -48.99 39.37 -24.72
CA LEU B 51 -48.77 37.93 -24.78
C LEU B 51 -50.04 37.31 -24.24
N ASP B 52 -50.59 36.33 -24.95
CA ASP B 52 -51.82 35.69 -24.51
C ASP B 52 -51.69 35.17 -23.10
N LEU B 53 -52.81 35.17 -22.38
CA LEU B 53 -52.85 34.70 -21.01
C LEU B 53 -52.23 33.31 -20.91
N LYS B 54 -52.58 32.44 -21.84
CA LYS B 54 -52.06 31.08 -21.84
C LYS B 54 -50.53 31.06 -21.89
N THR B 55 -49.94 32.13 -22.43
CA THR B 55 -48.48 32.21 -22.53
C THR B 55 -47.84 32.55 -21.20
N ARG B 56 -48.31 33.62 -20.57
CA ARG B 56 -47.78 34.05 -19.29
C ARG B 56 -47.81 32.95 -18.25
N GLU B 57 -48.84 32.10 -18.30
CA GLU B 57 -48.94 31.01 -17.33
C GLU B 57 -47.89 29.96 -17.62
N LEU B 58 -47.52 29.82 -18.88
CA LEU B 58 -46.49 28.86 -19.24
C LEU B 58 -45.15 29.47 -18.87
N LEU B 59 -44.96 30.75 -19.20
CA LEU B 59 -43.73 31.46 -18.87
C LEU B 59 -43.45 31.33 -17.37
N THR B 60 -44.52 31.27 -16.59
CA THR B 60 -44.39 31.16 -15.16
C THR B 60 -43.95 29.77 -14.73
N LEU B 61 -44.45 28.75 -15.41
CA LEU B 61 -44.03 27.39 -15.06
C LEU B 61 -42.53 27.24 -15.40
N ALA B 62 -42.11 27.86 -16.50
CA ALA B 62 -40.72 27.78 -16.92
C ALA B 62 -39.90 28.79 -16.14
N ALA B 63 -40.37 29.11 -14.94
CA ALA B 63 -39.67 30.05 -14.10
C ALA B 63 -39.62 29.47 -12.71
N LEU B 64 -40.72 28.82 -12.31
CA LEU B 64 -40.80 28.21 -10.99
C LEU B 64 -40.18 26.83 -10.98
N THR B 65 -39.92 26.26 -12.15
CA THR B 65 -39.29 24.95 -12.18
C THR B 65 -37.82 25.12 -11.81
N VAL B 66 -37.21 26.20 -12.30
CA VAL B 66 -35.82 26.49 -12.00
C VAL B 66 -35.60 26.75 -10.52
N LEU B 67 -36.53 27.47 -9.93
CA LEU B 67 -36.47 27.85 -8.52
C LEU B 67 -36.84 26.71 -7.58
N ARG B 68 -37.36 25.63 -8.15
CA ARG B 68 -37.81 24.47 -7.37
C ARG B 68 -38.88 24.86 -6.35
N ALA B 69 -39.75 25.79 -6.72
CA ALA B 69 -40.83 26.29 -5.85
C ALA B 69 -42.06 25.41 -6.01
N ASP B 70 -42.06 24.27 -5.33
CA ASP B 70 -43.17 23.31 -5.40
C ASP B 70 -44.54 23.90 -5.08
N ASP B 71 -44.68 24.59 -3.95
CA ASP B 71 -45.96 25.19 -3.57
C ASP B 71 -46.54 26.11 -4.65
N GLN B 72 -45.83 27.18 -4.97
CA GLN B 72 -46.29 28.13 -5.99
C GLN B 72 -46.42 27.45 -7.36
N LEU B 73 -45.73 26.33 -7.55
CA LEU B 73 -45.78 25.61 -8.82
C LEU B 73 -47.16 24.97 -8.98
N LYS B 74 -47.57 24.23 -7.96
CA LYS B 74 -48.87 23.56 -7.98
C LYS B 74 -50.02 24.50 -8.28
N SER B 75 -49.98 25.69 -7.68
CA SER B 75 -51.04 26.68 -7.88
C SER B 75 -51.09 27.16 -9.32
N HIS B 76 -49.93 27.47 -9.89
CA HIS B 76 -49.92 27.93 -11.25
C HIS B 76 -50.31 26.87 -12.26
N VAL B 77 -50.13 25.60 -11.90
CA VAL B 77 -50.52 24.54 -12.82
C VAL B 77 -52.02 24.71 -13.05
N ARG B 78 -52.78 24.91 -11.97
CA ARG B 78 -54.22 25.12 -12.11
C ARG B 78 -54.43 26.32 -13.02
N GLY B 79 -53.73 27.41 -12.70
CA GLY B 79 -53.84 28.63 -13.48
C GLY B 79 -53.72 28.38 -14.97
N ALA B 80 -52.81 27.50 -15.37
CA ALA B 80 -52.63 27.19 -16.77
C ALA B 80 -53.80 26.33 -17.25
N LEU B 81 -54.10 25.27 -16.48
CA LEU B 81 -55.21 24.38 -16.81
C LEU B 81 -56.53 25.14 -16.90
N ASN B 82 -56.60 26.33 -16.31
CA ASN B 82 -57.84 27.11 -16.35
C ASN B 82 -57.94 28.01 -17.58
N ALA B 83 -56.92 28.85 -17.79
CA ALA B 83 -56.89 29.78 -18.92
C ALA B 83 -56.89 29.05 -20.26
N GLY B 84 -56.95 27.73 -20.21
CA GLY B 84 -57.00 26.96 -21.45
C GLY B 84 -56.05 25.78 -21.63
N CYS B 85 -54.75 26.04 -21.46
CA CYS B 85 -53.67 25.06 -21.62
C CYS B 85 -54.00 23.58 -21.40
N SER B 86 -53.48 22.73 -22.29
CA SER B 86 -53.68 21.29 -22.18
C SER B 86 -52.64 20.69 -21.23
N LYS B 87 -52.93 19.53 -20.67
CA LYS B 87 -51.98 18.89 -19.78
C LYS B 87 -50.69 18.66 -20.55
N ASP B 88 -50.81 18.28 -21.81
CA ASP B 88 -49.64 18.02 -22.66
C ASP B 88 -48.73 19.24 -22.75
N GLU B 89 -49.31 20.42 -22.94
CA GLU B 89 -48.52 21.65 -23.03
C GLU B 89 -47.69 21.88 -21.77
N ILE B 90 -48.29 21.67 -20.60
CA ILE B 90 -47.56 21.88 -19.37
C ILE B 90 -46.39 20.89 -19.28
N ILE B 91 -46.67 19.60 -19.46
CA ILE B 91 -45.62 18.59 -19.42
C ILE B 91 -44.44 18.94 -20.33
N GLU B 92 -44.71 19.61 -21.44
CA GLU B 92 -43.65 19.98 -22.37
C GLU B 92 -42.67 20.99 -21.84
N VAL B 93 -43.18 22.16 -21.46
CA VAL B 93 -42.34 23.24 -20.95
C VAL B 93 -41.41 22.75 -19.83
N MSE B 94 -41.91 21.86 -18.99
CA MSE B 94 -41.11 21.33 -17.89
C MSE B 94 -40.07 20.38 -18.42
O MSE B 94 -38.96 20.30 -17.91
CB MSE B 94 -42.03 20.62 -16.89
CG MSE B 94 -43.16 21.50 -16.40
SE MSE B 94 -44.06 20.79 -14.88
CE MSE B 94 -44.70 19.17 -15.71
N ILE B 95 -40.43 19.64 -19.47
CA ILE B 95 -39.51 18.71 -20.10
C ILE B 95 -38.43 19.53 -20.78
N GLN B 96 -38.81 20.65 -21.40
CA GLN B 96 -37.79 21.47 -22.04
C GLN B 96 -36.84 22.04 -21.00
N MSE B 97 -37.34 22.29 -19.79
CA MSE B 97 -36.52 22.85 -18.71
C MSE B 97 -35.36 21.95 -18.32
O MSE B 97 -34.31 22.44 -17.91
CB MSE B 97 -37.37 23.10 -17.46
CG MSE B 97 -38.33 24.28 -17.57
SE MSE B 97 -37.50 25.86 -18.30
CE MSE B 97 -36.06 26.04 -17.05
N ALA B 98 -35.55 20.64 -18.45
CA ALA B 98 -34.51 19.67 -18.11
C ALA B 98 -33.20 20.01 -18.80
N VAL B 99 -33.29 20.66 -19.94
CA VAL B 99 -32.13 21.04 -20.71
C VAL B 99 -31.43 22.26 -20.15
N TYR B 100 -32.21 23.23 -19.69
CA TYR B 100 -31.66 24.48 -19.17
C TYR B 100 -31.39 24.54 -17.68
N ALA B 101 -32.17 23.80 -16.90
CA ALA B 101 -31.99 23.82 -15.47
C ALA B 101 -31.61 22.44 -14.97
N GLY B 102 -31.49 21.48 -15.89
CA GLY B 102 -31.13 20.14 -15.50
C GLY B 102 -32.31 19.23 -15.18
N PHE B 103 -32.03 17.93 -15.12
CA PHE B 103 -33.02 16.92 -14.84
C PHE B 103 -33.65 16.92 -13.46
N PRO B 104 -32.85 17.13 -12.41
CA PRO B 104 -33.52 17.11 -11.11
C PRO B 104 -34.65 18.14 -11.07
N ALA B 105 -34.41 19.26 -11.74
CA ALA B 105 -35.39 20.32 -11.77
C ALA B 105 -36.65 19.83 -12.43
N ALA B 106 -36.55 19.51 -13.72
CA ALA B 106 -37.67 19.04 -14.51
C ALA B 106 -38.46 17.93 -13.86
N ILE B 107 -37.77 16.93 -13.32
CA ILE B 107 -38.45 15.81 -12.67
C ILE B 107 -39.24 16.29 -11.46
N ASN B 108 -38.61 17.11 -10.64
CA ASN B 108 -39.27 17.64 -9.45
C ASN B 108 -40.55 18.34 -9.85
N ALA B 109 -40.48 19.17 -10.88
CA ALA B 109 -41.62 19.94 -11.36
C ALA B 109 -42.73 19.07 -11.95
N VAL B 110 -42.34 18.08 -12.74
CA VAL B 110 -43.32 17.21 -13.35
C VAL B 110 -44.09 16.50 -12.24
N LEU B 111 -43.39 15.88 -11.30
CA LEU B 111 -44.03 15.18 -10.19
C LEU B 111 -45.06 16.05 -9.50
N ALA B 112 -44.73 17.33 -9.34
CA ALA B 112 -45.60 18.29 -8.70
C ALA B 112 -46.86 18.52 -9.52
N ALA B 113 -46.71 18.42 -10.83
CA ALA B 113 -47.85 18.61 -11.72
C ALA B 113 -48.73 17.35 -11.72
N LYS B 114 -48.13 16.20 -11.41
CA LYS B 114 -48.84 14.91 -11.35
C LYS B 114 -49.93 14.92 -10.29
N GLU B 115 -49.63 15.55 -9.17
CA GLU B 115 -50.59 15.65 -8.06
C GLU B 115 -51.75 16.54 -8.47
N VAL B 116 -51.45 17.78 -8.84
CA VAL B 116 -52.47 18.72 -9.28
C VAL B 116 -53.25 18.14 -10.46
N PHE B 117 -52.55 17.46 -11.37
CA PHE B 117 -53.22 16.85 -12.53
C PHE B 117 -54.24 15.81 -12.06
N THR B 118 -54.41 15.68 -10.75
CA THR B 118 -55.34 14.71 -10.17
C THR B 118 -56.26 15.30 -9.08
N GLU B 119 -57.48 15.64 -9.46
CA GLU B 119 -58.45 16.20 -8.52
C GLU B 119 -59.09 15.09 -7.68
N GLU C 2 -16.72 -25.87 17.31
CA GLU C 2 -15.53 -25.33 18.03
C GLU C 2 -15.24 -23.89 17.60
N ARG C 3 -14.08 -23.65 16.97
CA ARG C 3 -13.73 -22.30 16.48
C ARG C 3 -13.58 -22.52 14.99
N TYR C 4 -12.80 -23.55 14.72
CA TYR C 4 -12.48 -24.01 13.40
C TYR C 4 -13.74 -24.01 12.53
N ARG C 5 -14.90 -24.06 13.18
CA ARG C 5 -16.15 -24.00 12.44
C ARG C 5 -16.29 -22.59 11.83
N ARG C 6 -15.67 -21.59 12.46
CA ARG C 6 -15.66 -20.19 11.99
C ARG C 6 -14.69 -20.06 10.84
N GLY C 7 -13.45 -20.49 11.09
CA GLY C 7 -12.43 -20.41 10.08
C GLY C 7 -12.97 -20.87 8.75
N MSE C 8 -13.49 -22.11 8.73
CA MSE C 8 -14.03 -22.68 7.51
C MSE C 8 -15.19 -21.85 6.96
O MSE C 8 -15.34 -21.69 5.76
CB MSE C 8 -14.48 -24.11 7.77
CG MSE C 8 -13.32 -25.06 8.12
SE MSE C 8 -12.06 -25.35 6.67
CE MSE C 8 -12.55 -27.17 6.23
N GLU C 9 -16.00 -21.29 7.87
CA GLU C 9 -17.13 -20.47 7.46
C GLU C 9 -16.67 -19.41 6.48
N ILE C 10 -15.40 -19.01 6.58
CA ILE C 10 -14.83 -18.01 5.69
C ILE C 10 -14.07 -18.67 4.55
N LEU C 11 -13.34 -19.74 4.87
CA LEU C 11 -12.56 -20.46 3.85
C LEU C 11 -13.39 -21.03 2.70
N ASN C 12 -14.29 -21.96 2.99
CA ASN C 12 -15.13 -22.58 1.97
C ASN C 12 -16.01 -21.56 1.26
N ARG C 13 -15.95 -20.31 1.71
CA ARG C 13 -16.73 -19.23 1.14
C ARG C 13 -15.93 -18.43 0.13
N MSE C 14 -14.88 -17.82 0.65
CA MSE C 14 -13.97 -16.97 -0.10
C MSE C 14 -12.90 -17.67 -0.96
O MSE C 14 -12.60 -17.22 -2.06
CB MSE C 14 -13.31 -16.02 0.88
CG MSE C 14 -12.13 -15.25 0.37
SE MSE C 14 -11.18 -14.62 1.91
CE MSE C 14 -9.90 -16.07 2.08
N ASN C 15 -12.33 -18.76 -0.46
CA ASN C 15 -11.30 -19.45 -1.22
C ASN C 15 -11.25 -20.94 -0.92
N ARG C 16 -12.35 -21.62 -1.19
CA ARG C 16 -12.41 -23.05 -0.92
C ARG C 16 -11.53 -23.88 -1.85
N LYS C 17 -11.56 -23.58 -3.14
CA LYS C 17 -10.76 -24.33 -4.11
C LYS C 17 -9.29 -24.42 -3.70
N SER C 18 -8.77 -23.38 -3.06
CA SER C 18 -7.38 -23.39 -2.65
C SER C 18 -7.17 -24.09 -1.33
N TYR C 19 -7.92 -23.69 -0.32
CA TYR C 19 -7.77 -24.31 0.99
C TYR C 19 -7.80 -25.82 0.92
N THR C 20 -8.41 -26.38 -0.12
CA THR C 20 -8.39 -27.81 -0.23
C THR C 20 -7.04 -28.17 -0.82
N ALA C 21 -6.04 -27.97 0.03
CA ALA C 21 -4.62 -28.23 -0.20
C ALA C 21 -4.33 -28.94 1.11
N ILE C 22 -5.41 -29.20 1.83
CA ILE C 22 -5.35 -29.90 3.10
C ILE C 22 -4.97 -31.29 2.68
N ARG C 23 -5.55 -31.67 1.55
CA ARG C 23 -5.33 -32.96 0.95
C ARG C 23 -3.84 -33.24 0.86
N ASP C 24 -3.05 -32.18 0.67
CA ASP C 24 -1.59 -32.30 0.53
C ASP C 24 -0.80 -32.50 1.80
N GLU C 25 -1.31 -32.04 2.94
CA GLU C 25 -0.63 -32.19 4.22
C GLU C 25 -1.03 -33.50 4.87
N LEU C 26 -2.20 -33.98 4.45
CA LEU C 26 -2.80 -35.21 4.95
C LEU C 26 -1.79 -36.31 5.27
N GLU C 27 -1.15 -36.85 4.23
CA GLU C 27 -0.15 -37.90 4.43
C GLU C 27 0.61 -37.33 5.60
N ASP C 28 0.59 -38.06 6.71
CA ASP C 28 1.25 -37.50 7.88
C ASP C 28 2.62 -36.98 7.57
N VAL C 29 2.55 -35.70 7.23
CA VAL C 29 3.65 -34.83 6.91
C VAL C 29 3.22 -33.75 7.91
N ALA C 30 2.30 -32.87 7.53
CA ALA C 30 1.84 -31.83 8.46
C ALA C 30 0.38 -31.42 8.26
N PRO C 31 -0.55 -32.24 8.77
CA PRO C 31 -2.01 -32.09 8.72
C PRO C 31 -2.36 -31.07 9.79
N ASP C 32 -1.81 -31.33 10.96
CA ASP C 32 -1.95 -30.50 12.14
C ASP C 32 -1.78 -29.03 11.72
N LEU C 33 -1.05 -28.83 10.63
CA LEU C 33 -0.77 -27.50 10.11
C LEU C 33 -1.96 -26.84 9.44
N ALA C 34 -2.58 -27.54 8.49
CA ALA C 34 -3.74 -27.01 7.78
C ALA C 34 -4.89 -26.70 8.76
N ARG C 35 -4.83 -27.32 9.93
CA ARG C 35 -5.84 -27.10 10.96
C ARG C 35 -5.61 -25.74 11.60
N PHE C 36 -4.36 -25.46 11.98
CA PHE C 36 -4.02 -24.17 12.59
C PHE C 36 -4.38 -23.03 11.65
N VAL C 37 -4.31 -23.28 10.35
CA VAL C 37 -4.66 -22.28 9.36
C VAL C 37 -6.14 -21.93 9.52
N ALA C 38 -7.00 -22.94 9.49
CA ALA C 38 -8.43 -22.70 9.61
C ALA C 38 -8.89 -22.15 10.96
N GLU C 39 -8.30 -22.65 12.04
CA GLU C 39 -8.71 -22.21 13.37
C GLU C 39 -7.94 -21.07 14.02
N PHE C 40 -6.94 -20.55 13.32
CA PHE C 40 -6.17 -19.44 13.86
C PHE C 40 -6.12 -18.31 12.84
N ALA C 41 -5.59 -18.62 11.66
CA ALA C 41 -5.49 -17.63 10.61
C ALA C 41 -6.88 -17.14 10.24
N TYR C 42 -7.83 -18.06 10.15
CA TYR C 42 -9.19 -17.69 9.78
C TYR C 42 -10.16 -17.65 10.95
N GLY C 43 -10.10 -18.67 11.81
CA GLY C 43 -10.99 -18.72 12.95
C GLY C 43 -10.75 -17.66 14.01
N ASP C 44 -9.51 -17.21 14.14
CA ASP C 44 -9.17 -16.20 15.15
C ASP C 44 -8.74 -14.81 14.66
N VAL C 45 -8.25 -14.70 13.42
CA VAL C 45 -7.80 -13.39 12.93
C VAL C 45 -8.71 -12.78 11.85
N TYR C 46 -8.85 -13.42 10.68
CA TYR C 46 -9.73 -12.92 9.62
C TYR C 46 -11.18 -12.78 10.06
N SER C 47 -11.57 -13.50 11.11
CA SER C 47 -12.93 -13.47 11.61
C SER C 47 -13.24 -12.20 12.36
N ARG C 48 -12.30 -11.75 13.21
CA ARG C 48 -12.51 -10.52 13.97
C ARG C 48 -12.37 -9.35 13.02
N GLY C 49 -13.40 -9.14 12.20
CA GLY C 49 -13.33 -8.11 11.19
C GLY C 49 -13.67 -6.65 11.40
N VAL C 50 -12.72 -5.87 11.91
CA VAL C 50 -12.95 -4.44 12.07
C VAL C 50 -12.70 -3.90 10.66
N LEU C 51 -11.85 -4.61 9.92
CA LEU C 51 -11.50 -4.27 8.54
C LEU C 51 -12.36 -5.12 7.61
N ASP C 52 -12.76 -4.57 6.46
CA ASP C 52 -13.55 -5.32 5.49
C ASP C 52 -12.73 -6.50 4.95
N LEU C 53 -13.38 -7.56 4.48
CA LEU C 53 -12.64 -8.71 3.95
C LEU C 53 -11.78 -8.30 2.77
N LYS C 54 -12.39 -7.62 1.81
CA LYS C 54 -11.65 -7.19 0.64
C LYS C 54 -10.36 -6.44 1.00
N THR C 55 -10.34 -5.80 2.16
CA THR C 55 -9.15 -5.06 2.58
C THR C 55 -8.17 -6.01 3.24
N ARG C 56 -8.68 -6.99 3.98
CA ARG C 56 -7.82 -7.94 4.62
C ARG C 56 -7.01 -8.72 3.57
N GLU C 57 -7.70 -9.31 2.60
CA GLU C 57 -7.04 -10.07 1.55
C GLU C 57 -6.04 -9.21 0.81
N LEU C 58 -6.45 -7.98 0.52
CA LEU C 58 -5.62 -7.00 -0.18
C LEU C 58 -4.33 -6.74 0.60
N LEU C 59 -4.42 -6.86 1.92
CA LEU C 59 -3.28 -6.64 2.79
C LEU C 59 -2.37 -7.85 2.75
N THR C 60 -2.97 -9.03 2.65
CA THR C 60 -2.20 -10.24 2.57
C THR C 60 -1.36 -10.15 1.30
N LEU C 61 -1.97 -9.62 0.24
CA LEU C 61 -1.24 -9.49 -1.01
C LEU C 61 0.02 -8.66 -0.82
N ALA C 62 -0.12 -7.54 -0.13
CA ALA C 62 1.01 -6.64 0.12
C ALA C 62 2.11 -7.38 0.82
N ALA C 63 1.73 -8.06 1.90
CA ALA C 63 2.66 -8.83 2.72
C ALA C 63 3.37 -9.94 1.95
N LEU C 64 2.59 -10.68 1.18
CA LEU C 64 3.15 -11.78 0.40
C LEU C 64 4.02 -11.28 -0.74
N THR C 65 3.89 -10.00 -1.07
CA THR C 65 4.69 -9.45 -2.15
C THR C 65 6.10 -9.15 -1.68
N VAL C 66 6.26 -8.69 -0.45
CA VAL C 66 7.60 -8.39 0.04
C VAL C 66 8.34 -9.72 0.26
N LEU C 67 7.62 -10.65 0.89
CA LEU C 67 8.15 -11.97 1.18
C LEU C 67 8.42 -12.79 -0.08
N ARG C 68 7.96 -12.30 -1.23
CA ARG C 68 8.14 -13.02 -2.50
C ARG C 68 7.58 -14.43 -2.38
N ALA C 69 6.44 -14.59 -1.73
CA ALA C 69 5.85 -15.90 -1.58
C ALA C 69 4.90 -16.26 -2.72
N ASP C 70 5.47 -16.70 -3.84
CA ASP C 70 4.69 -17.06 -5.05
C ASP C 70 3.55 -18.07 -4.90
N ASP C 71 3.85 -19.32 -4.60
CA ASP C 71 2.77 -20.29 -4.48
C ASP C 71 1.65 -19.78 -3.57
N GLN C 72 1.96 -18.83 -2.69
CA GLN C 72 0.95 -18.26 -1.78
C GLN C 72 0.28 -17.01 -2.35
N LEU C 73 1.06 -16.12 -2.94
CA LEU C 73 0.46 -14.93 -3.51
C LEU C 73 -0.67 -15.41 -4.41
N LYS C 74 -0.35 -16.34 -5.30
CA LYS C 74 -1.36 -16.85 -6.22
C LYS C 74 -2.67 -17.22 -5.54
N SER C 75 -2.59 -17.99 -4.47
CA SER C 75 -3.80 -18.43 -3.77
C SER C 75 -4.63 -17.29 -3.24
N HIS C 76 -3.98 -16.22 -2.79
CA HIS C 76 -4.73 -15.12 -2.25
C HIS C 76 -5.24 -14.16 -3.32
N VAL C 77 -4.74 -14.25 -4.54
CA VAL C 77 -5.24 -13.38 -5.60
C VAL C 77 -6.65 -13.88 -5.90
N ARG C 78 -6.77 -15.21 -5.95
CA ARG C 78 -8.07 -15.84 -6.18
C ARG C 78 -8.94 -15.32 -5.04
N GLY C 79 -8.56 -15.68 -3.81
CA GLY C 79 -9.30 -15.25 -2.63
C GLY C 79 -9.71 -13.79 -2.67
N ALA C 80 -8.89 -12.96 -3.31
CA ALA C 80 -9.16 -11.53 -3.45
C ALA C 80 -10.24 -11.33 -4.51
N LEU C 81 -10.04 -11.87 -5.70
CA LEU C 81 -11.04 -11.73 -6.76
C LEU C 81 -12.39 -12.26 -6.29
N ASN C 82 -12.35 -13.35 -5.53
CA ASN C 82 -13.57 -13.96 -5.04
C ASN C 82 -14.33 -13.05 -4.11
N ALA C 83 -13.70 -12.00 -3.60
CA ALA C 83 -14.35 -11.07 -2.68
C ALA C 83 -14.80 -9.80 -3.36
N GLY C 84 -14.68 -9.75 -4.69
CA GLY C 84 -15.10 -8.57 -5.40
C GLY C 84 -13.98 -7.69 -5.87
N CYS C 85 -12.77 -7.89 -5.35
CA CYS C 85 -11.63 -7.09 -5.75
C CYS C 85 -11.53 -7.17 -7.25
N SER C 86 -11.34 -6.02 -7.89
CA SER C 86 -11.22 -6.01 -9.34
C SER C 86 -9.77 -6.35 -9.65
N LYS C 87 -9.49 -6.69 -10.90
CA LYS C 87 -8.14 -7.00 -11.29
C LYS C 87 -7.25 -5.78 -11.12
N ASP C 88 -7.67 -4.67 -11.74
CA ASP C 88 -6.92 -3.40 -11.67
C ASP C 88 -6.65 -3.01 -10.22
N GLU C 89 -7.55 -3.39 -9.31
CA GLU C 89 -7.37 -3.10 -7.88
C GLU C 89 -6.26 -3.98 -7.32
N ILE C 90 -6.29 -5.26 -7.65
CA ILE C 90 -5.29 -6.21 -7.17
C ILE C 90 -3.90 -5.84 -7.66
N ILE C 91 -3.78 -5.44 -8.93
CA ILE C 91 -2.46 -5.08 -9.40
C ILE C 91 -1.99 -3.78 -8.73
N GLU C 92 -2.93 -2.98 -8.25
CA GLU C 92 -2.57 -1.74 -7.58
C GLU C 92 -1.69 -1.95 -6.37
N VAL C 93 -2.12 -2.79 -5.42
CA VAL C 93 -1.28 -2.97 -4.24
C VAL C 93 0.15 -3.37 -4.64
N MSE C 94 0.30 -4.11 -5.71
CA MSE C 94 1.62 -4.52 -6.13
C MSE C 94 2.39 -3.37 -6.74
O MSE C 94 3.61 -3.31 -6.62
CB MSE C 94 1.53 -5.71 -7.09
CG MSE C 94 1.34 -7.04 -6.37
SE MSE C 94 0.16 -8.33 -7.21
CE MSE C 94 0.34 -7.77 -9.02
N ILE C 95 1.70 -2.43 -7.37
CA ILE C 95 2.40 -1.31 -7.95
C ILE C 95 2.96 -0.45 -6.83
N GLN C 96 2.15 -0.17 -5.82
CA GLN C 96 2.66 0.63 -4.72
C GLN C 96 3.87 -0.04 -4.06
N MSE C 97 3.83 -1.37 -3.98
CA MSE C 97 4.93 -2.12 -3.38
C MSE C 97 6.27 -1.87 -4.06
O MSE C 97 7.31 -2.24 -3.52
CB MSE C 97 4.60 -3.61 -3.36
CG MSE C 97 3.45 -3.99 -2.44
SE MSE C 97 3.68 -3.41 -0.60
CE MSE C 97 2.50 -1.87 -0.62
N ALA C 98 6.26 -1.26 -5.23
CA ALA C 98 7.52 -0.97 -5.90
C ALA C 98 8.27 0.07 -5.09
N VAL C 99 7.54 0.94 -4.42
CA VAL C 99 8.16 1.96 -3.61
C VAL C 99 8.70 1.38 -2.29
N TYR C 100 7.91 0.55 -1.61
CA TYR C 100 8.29 -0.02 -0.31
C TYR C 100 9.11 -1.32 -0.29
N ALA C 101 9.08 -2.08 -1.38
CA ALA C 101 9.81 -3.34 -1.39
C ALA C 101 10.71 -3.49 -2.61
N GLY C 102 10.72 -2.46 -3.46
CA GLY C 102 11.56 -2.50 -4.65
C GLY C 102 10.87 -3.02 -5.89
N PHE C 103 11.34 -2.60 -7.07
CA PHE C 103 10.75 -3.04 -8.32
C PHE C 103 10.78 -4.55 -8.54
N PRO C 104 11.85 -5.24 -8.11
CA PRO C 104 11.90 -6.69 -8.32
C PRO C 104 10.78 -7.47 -7.64
N ALA C 105 10.31 -6.99 -6.49
CA ALA C 105 9.25 -7.70 -5.77
C ALA C 105 7.87 -7.47 -6.39
N ALA C 106 7.67 -6.27 -6.90
CA ALA C 106 6.44 -5.89 -7.54
C ALA C 106 6.31 -6.68 -8.81
N ILE C 107 7.34 -6.64 -9.66
CA ILE C 107 7.31 -7.37 -10.93
C ILE C 107 7.09 -8.87 -10.71
N ASN C 108 7.66 -9.41 -9.64
CA ASN C 108 7.49 -10.83 -9.37
C ASN C 108 6.09 -11.19 -8.93
N ALA C 109 5.34 -10.21 -8.41
CA ALA C 109 3.97 -10.42 -7.94
C ALA C 109 2.95 -10.22 -9.04
N VAL C 110 3.23 -9.32 -9.96
CA VAL C 110 2.34 -9.06 -11.09
C VAL C 110 2.30 -10.30 -12.00
N LEU C 111 3.47 -10.79 -12.37
CA LEU C 111 3.54 -11.97 -13.21
C LEU C 111 2.78 -13.12 -12.52
N ALA C 112 3.03 -13.32 -11.24
CA ALA C 112 2.34 -14.38 -10.54
C ALA C 112 0.84 -14.18 -10.64
N ALA C 113 0.41 -12.93 -10.55
CA ALA C 113 -1.01 -12.60 -10.63
C ALA C 113 -1.57 -12.84 -12.04
N LYS C 114 -0.80 -12.43 -13.05
CA LYS C 114 -1.26 -12.63 -14.42
C LYS C 114 -1.57 -14.12 -14.62
N GLU C 115 -0.81 -14.99 -13.97
CA GLU C 115 -1.03 -16.42 -14.11
C GLU C 115 -2.42 -16.80 -13.66
N VAL C 116 -2.79 -16.42 -12.44
CA VAL C 116 -4.12 -16.74 -11.95
C VAL C 116 -5.21 -15.96 -12.71
N PHE C 117 -4.88 -14.80 -13.25
CA PHE C 117 -5.87 -14.03 -14.03
C PHE C 117 -6.05 -14.77 -15.35
N THR C 118 -5.15 -15.70 -15.64
CA THR C 118 -5.23 -16.44 -16.88
C THR C 118 -5.50 -17.91 -16.68
N GLU C 119 -6.47 -18.23 -15.85
CA GLU C 119 -6.78 -19.63 -15.70
C GLU C 119 -7.94 -19.86 -16.68
N MSE D 1 44.30 -24.91 3.79
CA MSE D 1 45.38 -25.81 3.28
C MSE D 1 44.81 -27.11 2.89
O MSE D 1 44.51 -27.44 1.74
CB MSE D 1 46.37 -26.09 4.41
CG MSE D 1 47.51 -25.12 4.51
SE MSE D 1 48.52 -25.66 6.02
CE MSE D 1 48.81 -23.95 6.90
N GLU D 2 44.79 -27.89 3.94
CA GLU D 2 44.24 -29.20 3.92
C GLU D 2 43.66 -29.42 5.29
N ARG D 3 42.35 -29.43 5.35
CA ARG D 3 41.67 -29.74 6.58
C ARG D 3 40.37 -30.09 5.92
N TYR D 4 40.29 -29.66 4.66
CA TYR D 4 39.20 -29.89 3.75
C TYR D 4 38.51 -31.16 4.22
N ARG D 5 39.32 -32.21 4.40
CA ARG D 5 38.87 -33.53 4.84
C ARG D 5 38.25 -33.58 6.23
N ARG D 6 38.80 -32.77 7.15
CA ARG D 6 38.31 -32.67 8.53
C ARG D 6 36.81 -32.45 8.51
N GLY D 7 36.33 -31.85 7.41
CA GLY D 7 34.92 -31.59 7.25
C GLY D 7 34.30 -32.43 6.17
N MSE D 8 35.11 -33.24 5.50
CA MSE D 8 34.62 -34.08 4.43
C MSE D 8 34.14 -35.46 4.88
O MSE D 8 33.13 -35.96 4.39
CB MSE D 8 35.68 -34.25 3.36
CG MSE D 8 35.14 -34.68 2.03
SE MSE D 8 34.42 -33.18 1.06
CE MSE D 8 33.62 -34.20 -0.36
N GLU D 9 34.87 -36.11 5.78
CA GLU D 9 34.45 -37.42 6.25
C GLU D 9 33.02 -37.24 6.72
N ILE D 10 32.74 -36.02 7.19
CA ILE D 10 31.42 -35.62 7.66
C ILE D 10 30.49 -35.63 6.46
N LEU D 11 30.71 -34.66 5.58
CA LEU D 11 29.93 -34.48 4.37
C LEU D 11 29.70 -35.80 3.65
N ASN D 12 30.78 -36.48 3.28
CA ASN D 12 30.71 -37.74 2.57
C ASN D 12 29.96 -38.83 3.35
N ARG D 13 29.63 -38.51 4.60
CA ARG D 13 28.90 -39.42 5.51
C ARG D 13 27.39 -39.21 5.51
N MSE D 14 26.98 -37.98 5.76
CA MSE D 14 25.58 -37.58 5.86
C MSE D 14 24.87 -37.38 4.55
O MSE D 14 23.85 -38.00 4.25
CB MSE D 14 25.43 -36.24 6.54
CG MSE D 14 26.27 -35.97 7.72
SE MSE D 14 25.88 -34.09 7.95
CE MSE D 14 23.96 -34.30 8.28
N ASN D 15 25.41 -36.44 3.80
CA ASN D 15 24.85 -36.00 2.56
C ASN D 15 25.88 -36.07 1.44
N ARG D 16 26.52 -37.23 1.30
CA ARG D 16 27.51 -37.35 0.25
C ARG D 16 26.88 -37.00 -1.09
N LYS D 17 25.81 -37.72 -1.43
CA LYS D 17 25.11 -37.48 -2.69
C LYS D 17 25.01 -35.98 -2.96
N SER D 18 24.76 -35.20 -1.92
CA SER D 18 24.65 -33.76 -2.09
C SER D 18 25.94 -33.05 -2.48
N TYR D 19 26.99 -33.14 -1.64
CA TYR D 19 28.23 -32.46 -2.01
C TYR D 19 28.58 -32.81 -3.46
N THR D 20 28.38 -34.07 -3.82
CA THR D 20 28.64 -34.53 -5.19
C THR D 20 27.82 -33.68 -6.16
N ALA D 21 26.51 -33.63 -5.93
CA ALA D 21 25.60 -32.87 -6.77
C ALA D 21 26.10 -31.46 -7.02
N ILE D 22 26.72 -30.84 -6.01
CA ILE D 22 27.21 -29.49 -6.20
C ILE D 22 28.60 -29.41 -6.82
N ARG D 23 29.42 -30.44 -6.63
CA ARG D 23 30.71 -30.45 -7.28
C ARG D 23 30.38 -30.27 -8.76
N ASP D 24 29.12 -30.34 -9.13
CA ASP D 24 28.70 -30.18 -10.52
C ASP D 24 28.41 -28.70 -10.92
N GLU D 25 29.13 -27.78 -10.30
CA GLU D 25 29.02 -26.37 -10.61
C GLU D 25 30.53 -26.13 -10.72
N LEU D 26 31.21 -27.27 -10.83
CA LEU D 26 32.66 -27.38 -10.94
C LEU D 26 33.14 -26.70 -12.20
N GLU D 27 32.22 -26.28 -13.05
CA GLU D 27 32.57 -25.67 -14.33
C GLU D 27 31.98 -24.26 -14.42
N ASP D 28 30.61 -24.17 -14.52
CA ASP D 28 29.81 -22.95 -14.64
C ASP D 28 30.40 -21.93 -13.63
N VAL D 29 30.90 -22.35 -12.46
CA VAL D 29 32.01 -21.46 -11.99
C VAL D 29 33.05 -21.99 -11.00
N ALA D 30 33.45 -21.16 -10.05
CA ALA D 30 34.48 -21.61 -9.13
C ALA D 30 34.33 -22.76 -8.16
N PRO D 31 34.98 -23.89 -8.48
CA PRO D 31 34.99 -25.09 -7.66
C PRO D 31 35.26 -24.44 -6.31
N ASP D 32 36.03 -23.34 -6.36
CA ASP D 32 36.38 -22.54 -5.20
C ASP D 32 35.20 -22.32 -4.23
N LEU D 33 33.97 -22.37 -4.74
CA LEU D 33 32.79 -22.19 -3.91
C LEU D 33 32.48 -23.51 -3.20
N ALA D 34 32.46 -24.60 -3.95
CA ALA D 34 32.21 -25.90 -3.34
C ALA D 34 33.37 -26.20 -2.38
N ARG D 35 34.53 -25.61 -2.62
CA ARG D 35 35.68 -25.80 -1.74
C ARG D 35 35.31 -25.19 -0.39
N PHE D 36 35.02 -23.88 -0.38
CA PHE D 36 34.65 -23.16 0.84
C PHE D 36 33.52 -23.86 1.62
N VAL D 37 32.67 -24.64 0.95
CA VAL D 37 31.61 -25.31 1.67
C VAL D 37 32.26 -26.28 2.63
N ALA D 38 32.85 -27.33 2.07
CA ALA D 38 33.49 -28.37 2.84
C ALA D 38 34.62 -27.81 3.70
N GLU D 39 35.26 -26.79 3.18
CA GLU D 39 36.38 -26.17 3.83
C GLU D 39 36.10 -25.09 4.88
N PHE D 40 34.85 -24.72 5.10
CA PHE D 40 34.55 -23.67 6.09
C PHE D 40 33.26 -23.95 6.83
N ALA D 41 32.25 -24.35 6.06
CA ALA D 41 30.93 -24.65 6.60
C ALA D 41 31.06 -25.90 7.44
N TYR D 42 31.48 -26.97 6.78
CA TYR D 42 31.67 -28.23 7.45
C TYR D 42 33.09 -28.32 8.01
N GLY D 43 33.97 -27.47 7.49
CA GLY D 43 35.34 -27.49 7.95
C GLY D 43 35.55 -27.00 9.37
N ASP D 44 34.96 -25.87 9.72
CA ASP D 44 35.18 -25.35 11.05
C ASP D 44 33.96 -25.08 11.88
N VAL D 45 32.79 -25.06 11.26
CA VAL D 45 31.61 -24.77 12.04
C VAL D 45 30.90 -26.02 12.51
N TYR D 46 30.59 -26.94 11.61
CA TYR D 46 29.90 -28.18 11.99
C TYR D 46 30.80 -29.10 12.80
N SER D 47 32.09 -29.09 12.49
CA SER D 47 33.03 -29.94 13.21
C SER D 47 33.03 -29.61 14.69
N ARG D 48 32.80 -28.34 15.04
CA ARG D 48 32.77 -27.88 16.42
C ARG D 48 31.97 -28.83 17.32
N GLY D 49 32.22 -28.77 18.62
CA GLY D 49 31.51 -29.70 19.49
C GLY D 49 30.83 -29.23 20.75
N VAL D 50 29.52 -29.03 20.64
CA VAL D 50 28.70 -28.64 21.78
C VAL D 50 27.28 -29.02 21.41
N LEU D 51 27.08 -29.24 20.12
CA LEU D 51 25.78 -29.61 19.57
C LEU D 51 25.96 -30.81 18.69
N ASP D 52 25.08 -31.80 18.85
CA ASP D 52 25.09 -33.03 18.07
C ASP D 52 24.82 -32.74 16.60
N LEU D 53 25.27 -33.61 15.71
CA LEU D 53 25.05 -33.39 14.29
C LEU D 53 23.56 -33.36 14.01
N LYS D 54 22.81 -34.24 14.68
CA LYS D 54 21.37 -34.27 14.48
C LYS D 54 20.82 -32.90 14.81
N THR D 55 21.28 -32.35 15.94
CA THR D 55 20.84 -31.04 16.40
C THR D 55 21.21 -29.92 15.44
N ARG D 56 22.25 -30.12 14.64
CA ARG D 56 22.67 -29.08 13.71
C ARG D 56 21.90 -29.14 12.39
N GLU D 57 21.59 -30.34 11.92
CA GLU D 57 20.84 -30.45 10.67
C GLU D 57 19.43 -30.01 10.90
N LEU D 58 19.05 -29.88 12.16
CA LEU D 58 17.71 -29.47 12.53
C LEU D 58 17.68 -27.95 12.66
N LEU D 59 18.81 -27.38 13.07
CA LEU D 59 18.97 -25.93 13.21
C LEU D 59 19.24 -25.27 11.87
N THR D 60 19.72 -26.04 10.89
CA THR D 60 19.99 -25.52 9.55
C THR D 60 18.64 -25.39 8.81
N LEU D 61 17.79 -26.40 8.96
CA LEU D 61 16.47 -26.42 8.33
C LEU D 61 15.63 -25.19 8.71
N ALA D 62 15.60 -24.87 10.00
CA ALA D 62 14.86 -23.72 10.49
C ALA D 62 15.24 -22.45 9.77
N ALA D 63 16.54 -22.17 9.72
CA ALA D 63 17.01 -20.98 9.05
C ALA D 63 16.58 -20.97 7.57
N LEU D 64 16.75 -22.12 6.91
CA LEU D 64 16.39 -22.24 5.51
C LEU D 64 14.89 -22.08 5.24
N THR D 65 14.07 -22.30 6.28
CA THR D 65 12.63 -22.14 6.16
C THR D 65 12.29 -20.67 6.06
N VAL D 66 12.91 -19.89 6.93
CA VAL D 66 12.70 -18.46 6.98
C VAL D 66 13.14 -17.81 5.68
N LEU D 67 14.30 -18.24 5.15
CA LEU D 67 14.90 -17.74 3.90
C LEU D 67 14.20 -18.30 2.68
N ARG D 68 13.31 -19.26 2.89
CA ARG D 68 12.58 -19.90 1.80
C ARG D 68 13.52 -20.47 0.76
N ALA D 69 14.71 -20.88 1.17
CA ALA D 69 15.67 -21.43 0.21
C ALA D 69 15.31 -22.87 -0.15
N ASP D 70 14.34 -23.01 -1.05
CA ASP D 70 13.84 -24.31 -1.50
C ASP D 70 14.86 -25.41 -1.78
N ASP D 71 15.76 -25.17 -2.72
CA ASP D 71 16.75 -26.19 -3.05
C ASP D 71 17.56 -26.65 -1.85
N GLN D 72 18.25 -25.72 -1.20
CA GLN D 72 19.06 -26.02 -0.02
C GLN D 72 18.21 -26.67 1.08
N LEU D 73 16.91 -26.52 0.99
CA LEU D 73 16.02 -27.11 1.98
C LEU D 73 15.92 -28.60 1.78
N LYS D 74 15.48 -29.00 0.58
CA LYS D 74 15.34 -30.42 0.27
C LYS D 74 16.63 -31.12 0.60
N SER D 75 17.74 -30.47 0.27
CA SER D 75 19.06 -31.02 0.51
C SER D 75 19.30 -31.41 1.95
N HIS D 76 19.19 -30.44 2.85
CA HIS D 76 19.40 -30.72 4.25
C HIS D 76 18.31 -31.59 4.82
N VAL D 77 17.25 -31.86 4.05
CA VAL D 77 16.21 -32.72 4.59
C VAL D 77 16.76 -34.13 4.47
N ARG D 78 17.54 -34.35 3.42
CA ARG D 78 18.15 -35.65 3.21
C ARG D 78 19.21 -35.74 4.30
N GLY D 79 20.11 -34.76 4.29
CA GLY D 79 21.16 -34.71 5.28
C GLY D 79 20.65 -34.94 6.70
N ALA D 80 19.47 -34.41 7.01
CA ALA D 80 18.92 -34.58 8.36
C ALA D 80 18.40 -35.99 8.52
N LEU D 81 17.63 -36.47 7.56
CA LEU D 81 17.10 -37.82 7.64
C LEU D 81 18.28 -38.76 7.83
N ASN D 82 19.38 -38.47 7.11
CA ASN D 82 20.59 -39.28 7.18
C ASN D 82 21.27 -39.38 8.55
N ALA D 83 21.31 -38.28 9.29
CA ALA D 83 21.96 -38.29 10.59
C ALA D 83 21.12 -38.97 11.68
N GLY D 84 19.87 -39.28 11.36
CA GLY D 84 19.01 -39.93 12.34
C GLY D 84 17.68 -39.25 12.59
N CYS D 85 17.51 -38.04 12.11
CA CYS D 85 16.24 -37.34 12.32
C CYS D 85 15.09 -38.01 11.61
N SER D 86 13.97 -38.13 12.32
CA SER D 86 12.77 -38.75 11.79
C SER D 86 11.83 -37.73 11.17
N LYS D 87 10.81 -38.22 10.46
CA LYS D 87 9.82 -37.34 9.84
C LYS D 87 9.27 -36.41 10.92
N ASP D 88 8.58 -36.99 11.91
CA ASP D 88 7.98 -36.22 12.99
C ASP D 88 8.84 -35.04 13.41
N GLU D 89 10.15 -35.19 13.41
CA GLU D 89 11.06 -34.10 13.82
C GLU D 89 11.22 -33.00 12.79
N ILE D 90 11.61 -33.39 11.58
CA ILE D 90 11.80 -32.39 10.54
C ILE D 90 10.54 -31.53 10.41
N ILE D 91 9.41 -32.20 10.36
CA ILE D 91 8.14 -31.50 10.22
C ILE D 91 7.72 -30.71 11.46
N GLU D 92 8.36 -30.98 12.58
CA GLU D 92 8.03 -30.25 13.80
C GLU D 92 8.65 -28.88 13.80
N VAL D 93 9.89 -28.78 13.32
CA VAL D 93 10.57 -27.49 13.28
C VAL D 93 9.88 -26.56 12.30
N MSE D 94 9.34 -27.14 11.23
CA MSE D 94 8.68 -26.32 10.22
C MSE D 94 7.40 -25.79 10.81
O MSE D 94 7.13 -24.59 10.76
CB MSE D 94 8.45 -27.15 8.98
CG MSE D 94 9.77 -27.67 8.43
SE MSE D 94 9.60 -28.86 6.95
CE MSE D 94 11.15 -28.34 5.94
N ILE D 95 6.60 -26.67 11.40
CA ILE D 95 5.36 -26.21 12.02
C ILE D 95 5.68 -25.11 13.00
N GLN D 96 6.76 -25.27 13.76
CA GLN D 96 7.13 -24.24 14.72
C GLN D 96 7.51 -22.94 14.02
N MSE D 97 7.97 -23.02 12.78
CA MSE D 97 8.38 -21.81 12.07
C MSE D 97 7.21 -20.91 11.60
O MSE D 97 7.44 -19.78 11.19
CB MSE D 97 9.28 -22.18 10.91
CG MSE D 97 10.65 -22.69 11.34
SE MSE D 97 11.70 -21.38 12.36
CE MSE D 97 11.28 -21.93 14.16
N ALA D 98 5.99 -21.43 11.65
CA ALA D 98 4.82 -20.63 11.25
C ALA D 98 4.65 -19.52 12.28
N VAL D 99 4.99 -19.83 13.52
CA VAL D 99 4.90 -18.87 14.60
C VAL D 99 5.88 -17.70 14.48
N TYR D 100 7.13 -17.97 14.12
CA TYR D 100 8.14 -16.93 14.03
C TYR D 100 8.41 -16.32 12.66
N ALA D 101 8.30 -17.11 11.60
CA ALA D 101 8.57 -16.63 10.24
C ALA D 101 7.32 -16.50 9.37
N GLY D 102 6.14 -16.79 9.93
CA GLY D 102 4.91 -16.69 9.17
C GLY D 102 4.38 -17.98 8.55
N PHE D 103 3.06 -18.11 8.45
CA PHE D 103 2.48 -19.32 7.86
C PHE D 103 2.95 -19.63 6.45
N PRO D 104 3.03 -18.62 5.57
CA PRO D 104 3.49 -18.87 4.20
C PRO D 104 4.83 -19.59 4.13
N ALA D 105 5.66 -19.41 5.15
CA ALA D 105 7.00 -20.02 5.21
C ALA D 105 6.97 -21.43 5.72
N ALA D 106 6.16 -21.70 6.72
CA ALA D 106 6.11 -23.05 7.25
C ALA D 106 5.44 -23.98 6.25
N ILE D 107 4.54 -23.43 5.45
CA ILE D 107 3.85 -24.23 4.45
C ILE D 107 4.81 -24.52 3.30
N ASN D 108 5.41 -23.48 2.73
CA ASN D 108 6.35 -23.63 1.62
C ASN D 108 7.44 -24.68 1.84
N ALA D 109 7.97 -24.75 3.06
CA ALA D 109 9.02 -25.70 3.39
C ALA D 109 8.52 -27.13 3.61
N VAL D 110 7.35 -27.27 4.23
CA VAL D 110 6.80 -28.60 4.48
C VAL D 110 6.60 -29.32 3.17
N LEU D 111 6.04 -28.63 2.19
CA LEU D 111 5.81 -29.20 0.86
C LEU D 111 7.13 -29.67 0.24
N ALA D 112 8.19 -28.90 0.44
CA ALA D 112 9.47 -29.27 -0.11
C ALA D 112 9.96 -30.52 0.60
N ALA D 113 9.47 -30.72 1.82
CA ALA D 113 9.85 -31.87 2.61
C ALA D 113 9.09 -33.08 2.10
N LYS D 114 7.81 -32.88 1.86
CA LYS D 114 6.93 -33.92 1.37
C LYS D 114 7.49 -34.51 0.08
N GLU D 115 8.15 -33.67 -0.72
CA GLU D 115 8.74 -34.15 -1.96
C GLU D 115 9.93 -35.06 -1.67
N VAL D 116 10.92 -34.54 -0.95
CA VAL D 116 12.09 -35.34 -0.64
C VAL D 116 11.64 -36.66 -0.01
N PHE D 117 10.63 -36.62 0.85
CA PHE D 117 10.12 -37.85 1.47
C PHE D 117 9.51 -38.74 0.38
N THR D 118 10.21 -38.90 -0.73
CA THR D 118 9.73 -39.73 -1.82
C THR D 118 10.94 -40.09 -2.69
N GLU D 119 11.43 -41.32 -2.50
CA GLU D 119 12.59 -41.81 -3.22
C GLU D 119 12.23 -42.87 -4.24
N ASN D 120 11.77 -44.01 -3.75
CA ASN D 120 11.38 -45.13 -4.61
C ASN D 120 10.01 -45.68 -4.22
N ASP D 121 9.15 -44.81 -3.72
CA ASP D 121 7.81 -45.23 -3.33
C ASP D 121 7.02 -45.65 -4.58
N PRO D 122 7.18 -44.90 -5.69
CA PRO D 122 6.48 -45.20 -6.94
C PRO D 122 7.31 -46.07 -7.88
N MSE E 1 49.08 -20.46 8.28
CA MSE E 1 48.17 -19.51 8.96
C MSE E 1 48.30 -18.21 8.18
O MSE E 1 47.84 -17.15 8.66
CB MSE E 1 48.59 -19.30 10.44
CG MSE E 1 47.55 -18.60 11.35
SE MSE E 1 48.07 -18.57 13.41
CE MSE E 1 46.28 -18.21 14.27
N GLU E 2 48.95 -18.26 7.02
CA GLU E 2 49.06 -17.07 6.19
C GLU E 2 47.68 -17.10 5.59
N ARG E 3 46.73 -17.06 6.50
CA ARG E 3 45.33 -17.15 6.19
C ARG E 3 44.60 -16.44 7.32
N TYR E 4 45.40 -15.80 8.17
CA TYR E 4 44.91 -15.02 9.28
C TYR E 4 45.61 -13.70 9.03
N ARG E 5 46.94 -13.76 9.00
CA ARG E 5 47.74 -12.57 8.74
C ARG E 5 47.22 -11.97 7.45
N ARG E 6 47.15 -12.82 6.43
CA ARG E 6 46.67 -12.44 5.11
C ARG E 6 45.48 -11.51 5.22
N GLY E 7 44.37 -12.02 5.75
CA GLY E 7 43.19 -11.20 5.92
C GLY E 7 43.48 -10.03 6.83
N MSE E 8 44.21 -10.30 7.92
CA MSE E 8 44.57 -9.27 8.88
C MSE E 8 45.39 -8.18 8.22
O MSE E 8 45.42 -7.05 8.69
CB MSE E 8 45.36 -9.87 10.04
CG MSE E 8 44.50 -10.43 11.15
SE MSE E 8 43.27 -9.11 11.88
CE MSE E 8 44.55 -7.81 12.56
N GLU E 9 46.06 -8.52 7.13
CA GLU E 9 46.86 -7.56 6.38
C GLU E 9 45.89 -6.52 5.87
N ILE E 10 44.87 -7.01 5.17
CA ILE E 10 43.82 -6.17 4.62
C ILE E 10 43.21 -5.35 5.75
N LEU E 11 42.82 -6.06 6.81
CA LEU E 11 42.19 -5.47 7.97
C LEU E 11 42.87 -4.31 8.68
N ASN E 12 44.06 -4.51 9.26
CA ASN E 12 44.70 -3.41 9.98
C ASN E 12 45.28 -2.27 9.14
N ARG E 13 44.58 -1.91 8.04
CA ARG E 13 44.98 -0.80 7.18
C ARG E 13 43.71 -0.16 6.62
N MSE E 14 42.72 -0.99 6.31
CA MSE E 14 41.46 -0.51 5.77
C MSE E 14 40.40 -0.27 6.84
O MSE E 14 39.95 0.85 7.02
CB MSE E 14 40.93 -1.50 4.75
CG MSE E 14 39.67 -1.04 4.09
SE MSE E 14 38.90 -2.49 3.11
CE MSE E 14 37.62 -3.09 4.46
N ASN E 15 40.00 -1.34 7.53
CA ASN E 15 39.00 -1.23 8.60
C ASN E 15 39.70 -1.35 9.94
N ARG E 16 40.57 -0.38 10.21
CA ARG E 16 41.34 -0.34 11.44
C ARG E 16 40.53 -0.28 12.74
N LYS E 17 39.45 0.49 12.75
CA LYS E 17 38.64 0.65 13.97
C LYS E 17 37.76 -0.51 14.44
N SER E 18 36.63 -0.73 13.79
CA SER E 18 35.72 -1.77 14.25
C SER E 18 36.27 -3.19 14.23
N TYR E 19 37.42 -3.41 13.61
CA TYR E 19 37.91 -4.76 13.69
C TYR E 19 38.32 -4.83 15.14
N THR E 20 39.23 -3.93 15.53
CA THR E 20 39.68 -3.88 16.91
C THR E 20 38.50 -4.24 17.81
N ALA E 21 37.33 -3.74 17.47
CA ALA E 21 36.12 -4.04 18.22
C ALA E 21 35.70 -5.51 18.05
N ILE E 22 36.65 -6.36 17.70
CA ILE E 22 36.38 -7.78 17.55
C ILE E 22 36.91 -8.35 18.85
N ARG E 23 37.54 -7.48 19.62
CA ARG E 23 38.06 -7.84 20.94
C ARG E 23 36.92 -7.42 21.84
N ASP E 24 36.04 -6.59 21.29
CA ASP E 24 34.87 -6.08 21.99
C ASP E 24 33.79 -7.18 22.03
N GLU E 25 34.21 -8.38 21.66
CA GLU E 25 33.33 -9.53 21.66
C GLU E 25 34.21 -10.76 21.75
N LEU E 26 35.46 -10.50 22.09
CA LEU E 26 36.46 -11.56 22.21
C LEU E 26 36.19 -12.42 23.45
N GLU E 27 35.47 -11.87 24.42
CA GLU E 27 35.17 -12.58 25.66
C GLU E 27 33.93 -13.47 25.59
N ASP E 28 32.81 -12.93 25.13
CA ASP E 28 31.58 -13.71 25.04
C ASP E 28 31.70 -14.88 24.09
N VAL E 29 31.78 -14.56 22.81
CA VAL E 29 31.91 -15.58 21.78
C VAL E 29 33.37 -15.86 21.57
N ALA E 30 33.67 -17.12 21.31
CA ALA E 30 35.03 -17.54 21.05
C ALA E 30 35.63 -16.51 20.10
N PRO E 31 36.96 -16.39 20.11
CA PRO E 31 37.54 -15.40 19.19
C PRO E 31 37.23 -15.90 17.80
N ASP E 32 36.52 -17.03 17.74
CA ASP E 32 36.16 -17.68 16.49
C ASP E 32 35.37 -16.85 15.49
N LEU E 33 34.27 -16.26 15.95
CA LEU E 33 33.47 -15.44 15.05
C LEU E 33 34.29 -14.24 14.60
N ALA E 34 35.19 -13.76 15.46
CA ALA E 34 36.03 -12.61 15.11
C ALA E 34 37.25 -13.07 14.31
N ARG E 35 37.53 -14.37 14.39
CA ARG E 35 38.66 -14.96 13.70
C ARG E 35 38.24 -15.28 12.27
N PHE E 36 37.05 -15.89 12.13
CA PHE E 36 36.54 -16.27 10.83
C PHE E 36 36.45 -15.11 9.86
N VAL E 37 36.13 -13.92 10.35
CA VAL E 37 36.06 -12.77 9.47
C VAL E 37 37.43 -12.60 8.85
N ALA E 38 38.45 -12.44 9.68
CA ALA E 38 39.81 -12.27 9.20
C ALA E 38 40.22 -13.45 8.34
N GLU E 39 40.08 -14.65 8.90
CA GLU E 39 40.42 -15.85 8.17
C GLU E 39 39.67 -15.97 6.85
N PHE E 40 38.39 -16.32 6.94
CA PHE E 40 37.52 -16.54 5.78
C PHE E 40 37.12 -15.31 4.98
N ALA E 41 36.51 -14.34 5.64
CA ALA E 41 36.04 -13.15 4.97
C ALA E 41 37.13 -12.44 4.20
N TYR E 42 38.11 -11.93 4.92
CA TYR E 42 39.18 -11.16 4.29
C TYR E 42 40.44 -11.89 3.81
N GLY E 43 40.53 -13.19 4.08
CA GLY E 43 41.71 -13.93 3.64
C GLY E 43 41.40 -14.91 2.55
N ASP E 44 40.14 -15.29 2.43
CA ASP E 44 39.70 -16.24 1.41
C ASP E 44 38.79 -15.60 0.37
N VAL E 45 38.14 -14.50 0.73
CA VAL E 45 37.26 -13.86 -0.21
C VAL E 45 37.78 -12.51 -0.71
N TYR E 46 37.91 -11.55 0.20
CA TYR E 46 38.42 -10.23 -0.17
C TYR E 46 39.83 -10.32 -0.77
N SER E 47 40.61 -11.31 -0.33
CA SER E 47 41.99 -11.47 -0.81
C SER E 47 42.08 -11.69 -2.32
N ARG E 48 41.04 -12.27 -2.90
CA ARG E 48 40.99 -12.51 -4.33
C ARG E 48 41.17 -11.16 -5.00
N GLY E 49 41.72 -11.15 -6.21
CA GLY E 49 41.96 -9.87 -6.85
C GLY E 49 41.46 -9.70 -8.27
N VAL E 50 40.18 -9.94 -8.48
CA VAL E 50 39.62 -9.78 -9.81
C VAL E 50 38.80 -8.50 -9.79
N LEU E 51 38.50 -8.06 -8.57
CA LEU E 51 37.72 -6.84 -8.30
C LEU E 51 38.51 -5.93 -7.36
N ASP E 52 38.59 -4.64 -7.70
CA ASP E 52 39.31 -3.66 -6.88
C ASP E 52 38.73 -3.61 -5.47
N LEU E 53 39.58 -3.51 -4.47
CA LEU E 53 39.10 -3.43 -3.10
C LEU E 53 38.02 -2.34 -3.01
N LYS E 54 38.18 -1.25 -3.75
CA LYS E 54 37.18 -0.18 -3.73
C LYS E 54 35.84 -0.72 -4.20
N THR E 55 35.85 -1.41 -5.34
CA THR E 55 34.63 -1.99 -5.89
C THR E 55 34.04 -2.98 -4.90
N ARG E 56 34.89 -3.69 -4.18
CA ARG E 56 34.42 -4.66 -3.20
C ARG E 56 33.73 -3.98 -2.01
N GLU E 57 34.16 -2.76 -1.67
CA GLU E 57 33.55 -2.06 -0.55
C GLU E 57 32.12 -1.58 -0.83
N LEU E 58 31.89 -1.05 -2.04
CA LEU E 58 30.57 -0.58 -2.38
C LEU E 58 29.63 -1.78 -2.46
N LEU E 59 30.19 -2.95 -2.75
CA LEU E 59 29.38 -4.14 -2.83
C LEU E 59 28.83 -4.52 -1.47
N THR E 60 29.68 -4.69 -0.48
CA THR E 60 29.18 -5.04 0.85
C THR E 60 28.09 -4.04 1.22
N LEU E 61 28.30 -2.79 0.80
CA LEU E 61 27.35 -1.72 1.05
C LEU E 61 26.01 -2.08 0.45
N ALA E 62 25.99 -2.40 -0.83
CA ALA E 62 24.75 -2.77 -1.49
C ALA E 62 24.00 -3.79 -0.69
N ALA E 63 24.67 -4.88 -0.34
CA ALA E 63 24.04 -5.94 0.42
C ALA E 63 23.57 -5.52 1.80
N LEU E 64 24.45 -4.86 2.55
CA LEU E 64 24.11 -4.42 3.91
C LEU E 64 22.94 -3.44 3.96
N THR E 65 22.67 -2.77 2.84
CA THR E 65 21.56 -1.84 2.78
C THR E 65 20.30 -2.67 2.76
N VAL E 66 20.24 -3.61 1.82
CA VAL E 66 19.10 -4.52 1.67
C VAL E 66 18.82 -5.29 2.96
N LEU E 67 19.88 -5.71 3.65
CA LEU E 67 19.74 -6.47 4.88
C LEU E 67 19.29 -5.59 6.02
N ARG E 68 19.33 -4.29 5.81
CA ARG E 68 18.93 -3.34 6.85
C ARG E 68 19.83 -3.44 8.07
N ALA E 69 20.97 -4.09 7.92
CA ALA E 69 21.89 -4.18 9.04
C ALA E 69 22.41 -2.75 9.16
N ASP E 70 22.49 -2.24 10.38
CA ASP E 70 22.93 -0.86 10.58
C ASP E 70 24.36 -0.73 11.10
N ASP E 71 24.76 -1.64 11.99
CA ASP E 71 26.12 -1.64 12.56
C ASP E 71 27.15 -1.95 11.47
N GLN E 72 27.02 -3.13 10.87
CA GLN E 72 27.93 -3.56 9.82
C GLN E 72 27.96 -2.56 8.67
N LEU E 73 26.81 -1.98 8.33
CA LEU E 73 26.81 -1.01 7.25
C LEU E 73 27.59 0.21 7.68
N LYS E 74 27.41 0.59 8.94
CA LYS E 74 28.10 1.76 9.46
C LYS E 74 29.61 1.60 9.39
N SER E 75 30.11 0.44 9.81
CA SER E 75 31.56 0.22 9.81
C SER E 75 32.12 -0.04 8.42
N HIS E 76 31.26 -0.40 7.48
CA HIS E 76 31.76 -0.63 6.13
C HIS E 76 31.78 0.67 5.34
N VAL E 77 31.10 1.68 5.85
CA VAL E 77 31.10 2.98 5.19
C VAL E 77 32.41 3.61 5.59
N ARG E 78 32.93 3.20 6.74
CA ARG E 78 34.20 3.72 7.22
C ARG E 78 35.29 3.13 6.33
N GLY E 79 35.14 1.84 6.02
CA GLY E 79 36.10 1.18 5.15
C GLY E 79 36.02 1.76 3.75
N ALA E 80 34.81 1.78 3.18
CA ALA E 80 34.57 2.30 1.84
C ALA E 80 35.35 3.58 1.65
N LEU E 81 35.27 4.44 2.66
CA LEU E 81 35.96 5.72 2.64
C LEU E 81 37.46 5.48 2.60
N ASN E 82 37.99 4.78 3.60
CA ASN E 82 39.42 4.50 3.69
C ASN E 82 40.03 3.90 2.43
N ALA E 83 39.30 3.02 1.76
CA ALA E 83 39.82 2.40 0.55
C ALA E 83 39.84 3.37 -0.61
N GLY E 84 39.33 4.57 -0.41
CA GLY E 84 39.33 5.56 -1.46
C GLY E 84 37.99 6.06 -1.96
N CYS E 85 36.92 5.29 -1.74
CA CYS E 85 35.59 5.67 -2.20
C CYS E 85 35.12 7.01 -1.64
N SER E 86 34.76 7.94 -2.53
CA SER E 86 34.30 9.26 -2.12
C SER E 86 32.90 9.18 -1.53
N LYS E 87 32.53 10.18 -0.74
CA LYS E 87 31.20 10.18 -0.15
C LYS E 87 30.18 10.04 -1.27
N ASP E 88 30.29 10.90 -2.28
CA ASP E 88 29.35 10.85 -3.38
C ASP E 88 29.15 9.44 -3.93
N GLU E 89 30.21 8.64 -3.96
CA GLU E 89 30.08 7.28 -4.49
C GLU E 89 29.27 6.37 -3.55
N ILE E 90 29.52 6.50 -2.25
CA ILE E 90 28.82 5.73 -1.24
C ILE E 90 27.32 5.98 -1.38
N ILE E 91 26.93 7.21 -1.12
CA ILE E 91 25.54 7.63 -1.22
C ILE E 91 24.90 7.14 -2.50
N GLU E 92 25.67 7.15 -3.58
CA GLU E 92 25.19 6.72 -4.87
C GLU E 92 24.68 5.28 -4.88
N VAL E 93 25.39 4.39 -4.21
CA VAL E 93 24.97 3.00 -4.21
C VAL E 93 23.64 2.84 -3.49
N MSE E 94 23.39 3.69 -2.50
CA MSE E 94 22.15 3.63 -1.75
C MSE E 94 20.97 4.29 -2.46
O MSE E 94 19.82 3.93 -2.25
CB MSE E 94 22.40 4.25 -0.38
CG MSE E 94 23.51 3.51 0.36
SE MSE E 94 24.34 4.52 1.75
CE MSE E 94 25.25 3.10 2.68
N ILE E 95 21.25 5.26 -3.33
CA ILE E 95 20.21 5.90 -4.10
C ILE E 95 19.79 4.81 -5.08
N GLN E 96 20.78 4.06 -5.55
CA GLN E 96 20.55 2.96 -6.47
C GLN E 96 19.70 1.87 -5.82
N MSE E 97 19.90 1.66 -4.53
CA MSE E 97 19.15 0.63 -3.83
C MSE E 97 17.65 0.93 -3.63
O MSE E 97 16.87 0.02 -3.37
CB MSE E 97 19.81 0.34 -2.46
CG MSE E 97 21.19 -0.31 -2.55
SE MSE E 97 21.25 -2.09 -3.36
CE MSE E 97 21.68 -1.62 -5.19
N ALA E 98 17.25 2.18 -3.74
CA ALA E 98 15.85 2.50 -3.57
C ALA E 98 15.04 1.80 -4.64
N VAL E 99 15.64 1.63 -5.80
CA VAL E 99 14.97 0.98 -6.91
C VAL E 99 14.89 -0.53 -6.79
N TYR E 100 15.96 -1.14 -6.27
CA TYR E 100 16.02 -2.59 -6.15
C TYR E 100 15.59 -3.11 -4.81
N ALA E 101 15.86 -2.35 -3.76
CA ALA E 101 15.50 -2.78 -2.41
C ALA E 101 14.33 -1.99 -1.81
N GLY E 102 14.02 -0.84 -2.40
CA GLY E 102 12.93 -0.03 -1.88
C GLY E 102 13.42 1.18 -1.13
N PHE E 103 12.60 2.22 -1.07
CA PHE E 103 12.96 3.46 -0.38
C PHE E 103 13.23 3.34 1.11
N PRO E 104 12.45 2.53 1.84
CA PRO E 104 12.73 2.43 3.27
C PRO E 104 14.15 1.95 3.53
N ALA E 105 14.62 1.02 2.71
CA ALA E 105 15.98 0.50 2.84
C ALA E 105 17.01 1.57 2.52
N ALA E 106 16.86 2.18 1.35
CA ALA E 106 17.76 3.25 0.95
C ALA E 106 17.78 4.41 1.96
N ILE E 107 16.63 4.88 2.40
CA ILE E 107 16.61 5.96 3.36
C ILE E 107 17.34 5.56 4.63
N ASN E 108 17.13 4.32 5.06
CA ASN E 108 17.76 3.83 6.28
C ASN E 108 19.27 3.71 6.22
N ALA E 109 19.81 3.42 5.05
CA ALA E 109 21.25 3.29 4.88
C ALA E 109 21.91 4.65 4.86
N VAL E 110 21.33 5.59 4.15
CA VAL E 110 21.88 6.94 4.05
C VAL E 110 21.89 7.67 5.39
N LEU E 111 20.88 7.42 6.23
CA LEU E 111 20.86 8.10 7.51
C LEU E 111 22.01 7.56 8.38
N ALA E 112 22.25 6.25 8.34
CA ALA E 112 23.33 5.68 9.13
C ALA E 112 24.69 6.15 8.61
N ALA E 113 24.81 6.31 7.30
CA ALA E 113 26.05 6.77 6.70
C ALA E 113 26.30 8.21 7.11
N LYS E 114 25.23 8.99 7.20
CA LYS E 114 25.33 10.38 7.59
C LYS E 114 26.10 10.43 8.90
N GLU E 115 25.81 9.49 9.80
CA GLU E 115 26.47 9.40 11.11
C GLU E 115 27.96 9.30 10.91
N VAL E 116 28.38 8.35 10.09
CA VAL E 116 29.79 8.14 9.81
C VAL E 116 30.34 9.41 9.16
N PHE E 117 29.55 10.05 8.31
CA PHE E 117 29.94 11.28 7.64
C PHE E 117 29.92 12.49 8.57
N THR E 118 28.78 12.70 9.26
CA THR E 118 28.69 13.82 10.20
C THR E 118 29.95 13.54 10.95
N GLU E 119 30.45 14.52 11.66
CA GLU E 119 31.69 14.27 12.29
C GLU E 119 31.88 13.13 13.27
N ASN E 120 32.66 12.18 12.77
CA ASN E 120 33.08 10.98 13.46
C ASN E 120 34.51 11.49 13.78
N GLU F 2 6.76 12.91 -22.92
CA GLU F 2 7.91 13.49 -22.16
C GLU F 2 9.14 12.63 -22.40
N ARG F 3 10.21 12.87 -21.62
CA ARG F 3 11.46 12.12 -21.76
C ARG F 3 11.40 10.67 -21.23
N TYR F 4 10.59 9.86 -21.91
CA TYR F 4 10.39 8.44 -21.62
C TYR F 4 11.50 7.74 -22.36
N ARG F 5 11.93 8.38 -23.44
CA ARG F 5 13.01 7.86 -24.28
C ARG F 5 14.34 7.97 -23.56
N ARG F 6 14.51 9.04 -22.78
CA ARG F 6 15.74 9.23 -22.03
C ARG F 6 15.97 7.99 -21.17
N GLY F 7 14.93 7.17 -21.07
CA GLY F 7 15.02 5.95 -20.30
C GLY F 7 15.13 4.79 -21.27
N MSE F 8 14.14 4.65 -22.14
CA MSE F 8 14.13 3.56 -23.12
C MSE F 8 15.32 3.67 -24.08
O MSE F 8 15.67 2.69 -24.72
CB MSE F 8 12.82 3.59 -23.91
CG MSE F 8 11.58 3.28 -23.07
SE MSE F 8 11.05 1.44 -23.06
CE MSE F 8 12.40 0.72 -21.84
N GLU F 9 15.92 4.85 -24.16
CA GLU F 9 17.06 5.04 -25.05
C GLU F 9 18.32 4.65 -24.27
N ILE F 10 18.10 3.80 -23.28
CA ILE F 10 19.17 3.30 -22.43
C ILE F 10 18.95 1.81 -22.23
N LEU F 11 17.69 1.44 -21.99
CA LEU F 11 17.34 0.04 -21.79
C LEU F 11 17.42 -0.75 -23.10
N ASN F 12 17.29 -0.05 -24.22
CA ASN F 12 17.33 -0.67 -25.53
C ASN F 12 18.76 -1.08 -25.88
N ARG F 13 19.70 -0.72 -25.02
CA ARG F 13 21.10 -1.08 -25.24
C ARG F 13 21.43 -2.27 -24.35
N MSE F 14 21.79 -1.98 -23.10
CA MSE F 14 22.16 -2.98 -22.11
C MSE F 14 21.42 -4.31 -22.17
O MSE F 14 22.05 -5.36 -22.30
CB MSE F 14 21.96 -2.41 -20.71
CG MSE F 14 22.84 -1.24 -20.41
SE MSE F 14 22.58 -0.71 -18.58
CE MSE F 14 21.13 0.56 -18.82
N ASN F 15 20.10 -4.26 -22.07
CA ASN F 15 19.32 -5.49 -22.10
C ASN F 15 18.10 -5.37 -22.99
N ARG F 16 18.29 -5.58 -24.28
CA ARG F 16 17.21 -5.46 -25.26
C ARG F 16 16.04 -6.47 -25.21
N LYS F 17 16.15 -7.58 -24.48
CA LYS F 17 15.02 -8.51 -24.40
C LYS F 17 14.67 -8.73 -22.97
N SER F 18 15.67 -8.53 -22.11
CA SER F 18 15.42 -8.62 -20.69
C SER F 18 14.66 -7.35 -20.40
N TYR F 19 14.05 -6.89 -21.48
CA TYR F 19 13.17 -5.76 -21.48
C TYR F 19 12.01 -5.96 -22.49
N THR F 20 12.35 -6.01 -23.78
CA THR F 20 11.35 -6.19 -24.83
C THR F 20 10.29 -7.10 -24.26
N ALA F 21 10.76 -8.22 -23.72
CA ALA F 21 9.87 -9.22 -23.16
C ALA F 21 9.15 -8.72 -21.93
N ILE F 22 9.87 -8.18 -20.95
CA ILE F 22 9.18 -7.74 -19.75
C ILE F 22 8.30 -6.53 -19.98
N ARG F 23 8.00 -6.25 -21.24
CA ARG F 23 7.10 -5.17 -21.59
C ARG F 23 5.98 -5.90 -22.29
N ASP F 24 5.83 -7.19 -21.97
CA ASP F 24 4.80 -8.00 -22.61
C ASP F 24 4.13 -9.00 -21.68
N GLU F 25 4.91 -9.73 -20.89
CA GLU F 25 4.29 -10.64 -19.95
C GLU F 25 3.90 -9.70 -18.83
N LEU F 26 3.72 -8.43 -19.19
CA LEU F 26 3.43 -7.39 -18.21
C LEU F 26 2.47 -6.33 -18.73
N GLU F 27 3.00 -5.42 -19.55
CA GLU F 27 2.23 -4.31 -20.12
C GLU F 27 1.10 -4.77 -21.05
N ASP F 28 0.48 -5.89 -20.69
CA ASP F 28 -0.62 -6.45 -21.45
C ASP F 28 -1.82 -6.28 -20.54
N VAL F 29 -1.53 -6.15 -19.24
CA VAL F 29 -2.55 -5.91 -18.24
C VAL F 29 -2.15 -4.85 -17.20
N ALA F 30 -0.89 -4.75 -16.78
CA ALA F 30 -0.60 -3.68 -15.81
C ALA F 30 0.61 -2.78 -16.11
N PRO F 31 0.42 -1.74 -16.95
CA PRO F 31 1.38 -0.73 -17.42
C PRO F 31 1.47 0.60 -16.70
N ASP F 32 1.82 0.59 -15.44
CA ASP F 32 2.01 1.81 -14.72
C ASP F 32 3.44 1.48 -14.39
N LEU F 33 3.57 0.22 -14.01
CA LEU F 33 4.84 -0.38 -13.63
C LEU F 33 5.79 -0.34 -14.81
N ALA F 34 5.38 -0.88 -15.96
CA ALA F 34 6.26 -0.89 -17.11
C ALA F 34 6.78 0.49 -17.45
N ARG F 35 5.96 1.54 -17.36
CA ARG F 35 6.50 2.87 -17.65
C ARG F 35 7.51 3.22 -16.56
N PHE F 36 7.05 3.21 -15.31
CA PHE F 36 7.91 3.53 -14.17
C PHE F 36 9.32 2.96 -14.28
N VAL F 37 9.43 1.68 -14.64
CA VAL F 37 10.75 1.09 -14.76
C VAL F 37 11.54 1.82 -15.84
N ALA F 38 10.89 2.10 -16.97
CA ALA F 38 11.56 2.82 -18.04
C ALA F 38 11.90 4.22 -17.57
N GLU F 39 10.89 4.95 -17.10
CA GLU F 39 11.04 6.34 -16.65
C GLU F 39 11.92 6.57 -15.44
N PHE F 40 11.60 5.89 -14.35
CA PHE F 40 12.33 6.08 -13.11
C PHE F 40 13.65 5.34 -12.90
N ALA F 41 13.67 4.03 -13.11
CA ALA F 41 14.90 3.25 -12.90
C ALA F 41 16.00 3.61 -13.88
N TYR F 42 15.74 3.41 -15.16
CA TYR F 42 16.73 3.72 -16.16
C TYR F 42 16.68 5.19 -16.54
N GLY F 43 15.50 5.77 -16.45
CA GLY F 43 15.35 7.16 -16.80
C GLY F 43 15.95 8.14 -15.82
N ASP F 44 15.60 8.02 -14.54
CA ASP F 44 16.11 8.94 -13.52
C ASP F 44 17.30 8.41 -12.71
N VAL F 45 17.32 7.10 -12.44
CA VAL F 45 18.38 6.51 -11.62
C VAL F 45 19.66 6.02 -12.31
N TYR F 46 19.52 5.19 -13.34
CA TYR F 46 20.67 4.70 -14.08
C TYR F 46 21.37 5.81 -14.83
N SER F 47 20.59 6.62 -15.53
CA SER F 47 21.11 7.74 -16.30
C SER F 47 21.99 8.66 -15.45
N ARG F 48 22.11 8.38 -14.17
CA ARG F 48 22.96 9.20 -13.34
C ARG F 48 24.35 8.69 -13.67
N GLY F 49 25.36 9.52 -13.44
CA GLY F 49 26.72 9.11 -13.75
C GLY F 49 27.73 9.50 -12.69
N VAL F 50 27.90 8.62 -11.71
CA VAL F 50 28.87 8.85 -10.65
C VAL F 50 29.62 7.54 -10.49
N LEU F 51 28.99 6.48 -10.98
CA LEU F 51 29.55 5.14 -10.94
C LEU F 51 29.52 4.61 -12.37
N ASP F 52 30.57 3.87 -12.75
CA ASP F 52 30.67 3.29 -14.08
C ASP F 52 29.46 2.41 -14.40
N LEU F 53 29.14 2.29 -15.68
CA LEU F 53 28.03 1.46 -16.08
C LEU F 53 28.33 0.03 -15.62
N LYS F 54 29.51 -0.46 -15.99
CA LYS F 54 29.93 -1.82 -15.62
C LYS F 54 29.91 -2.04 -14.12
N THR F 55 29.85 -0.96 -13.36
CA THR F 55 29.82 -1.08 -11.91
C THR F 55 28.37 -1.24 -11.46
N ARG F 56 27.52 -0.34 -11.94
CA ARG F 56 26.10 -0.34 -11.61
C ARG F 56 25.47 -1.70 -11.87
N GLU F 57 25.92 -2.38 -12.92
CA GLU F 57 25.38 -3.71 -13.23
C GLU F 57 25.80 -4.74 -12.17
N LEU F 58 27.02 -4.59 -11.66
CA LEU F 58 27.48 -5.50 -10.64
C LEU F 58 26.71 -5.28 -9.35
N LEU F 59 26.56 -4.03 -8.95
CA LEU F 59 25.84 -3.70 -7.71
C LEU F 59 24.42 -4.23 -7.71
N THR F 60 23.79 -4.26 -8.89
CA THR F 60 22.44 -4.76 -9.00
C THR F 60 22.48 -6.28 -8.82
N LEU F 61 23.45 -6.93 -9.45
CA LEU F 61 23.61 -8.38 -9.34
C LEU F 61 23.77 -8.72 -7.87
N ALA F 62 24.44 -7.82 -7.14
CA ALA F 62 24.65 -8.01 -5.71
C ALA F 62 23.33 -7.96 -4.98
N ALA F 63 22.57 -6.90 -5.25
CA ALA F 63 21.27 -6.70 -4.63
C ALA F 63 20.33 -7.87 -4.84
N LEU F 64 20.19 -8.33 -6.07
CA LEU F 64 19.29 -9.44 -6.35
C LEU F 64 19.77 -10.76 -5.75
N THR F 65 21.06 -10.89 -5.44
CA THR F 65 21.55 -12.15 -4.84
C THR F 65 20.92 -12.38 -3.47
N VAL F 66 21.00 -11.38 -2.61
CA VAL F 66 20.39 -11.47 -1.28
C VAL F 66 18.89 -11.75 -1.36
N LEU F 67 18.21 -10.95 -2.16
CA LEU F 67 16.76 -11.04 -2.35
C LEU F 67 16.27 -12.30 -3.01
N ARG F 68 17.20 -13.07 -3.58
CA ARG F 68 16.85 -14.29 -4.27
C ARG F 68 15.99 -14.01 -5.50
N ALA F 69 16.20 -12.86 -6.13
CA ALA F 69 15.45 -12.48 -7.32
C ALA F 69 15.97 -13.23 -8.54
N ASP F 70 15.68 -14.51 -8.61
CA ASP F 70 16.14 -15.35 -9.70
C ASP F 70 15.93 -14.77 -11.11
N ASP F 71 14.68 -14.57 -11.50
CA ASP F 71 14.35 -14.05 -12.83
C ASP F 71 15.00 -12.72 -13.13
N GLN F 72 14.87 -11.78 -12.21
CA GLN F 72 15.45 -10.47 -12.45
C GLN F 72 16.98 -10.53 -12.40
N LEU F 73 17.51 -11.60 -11.80
CA LEU F 73 18.95 -11.80 -11.69
C LEU F 73 19.48 -12.20 -13.06
N LYS F 74 18.84 -13.21 -13.65
CA LYS F 74 19.27 -13.68 -14.96
C LYS F 74 19.26 -12.51 -15.90
N SER F 75 18.14 -11.81 -15.91
CA SER F 75 17.97 -10.63 -16.74
C SER F 75 19.11 -9.66 -16.50
N HIS F 76 19.57 -9.54 -15.27
CA HIS F 76 20.66 -8.61 -15.03
C HIS F 76 22.06 -9.17 -15.18
N VAL F 77 22.15 -10.43 -15.58
CA VAL F 77 23.44 -11.04 -15.82
C VAL F 77 23.73 -10.71 -17.28
N ARG F 78 22.76 -11.03 -18.15
CA ARG F 78 22.91 -10.78 -19.58
C ARG F 78 23.30 -9.32 -19.77
N GLY F 79 22.72 -8.46 -18.93
CA GLY F 79 23.00 -7.04 -18.98
C GLY F 79 24.38 -6.65 -18.49
N ALA F 80 24.89 -7.37 -17.51
CA ALA F 80 26.22 -7.08 -16.98
C ALA F 80 27.20 -7.45 -18.07
N LEU F 81 26.93 -8.57 -18.74
CA LEU F 81 27.79 -9.02 -19.82
C LEU F 81 27.83 -7.94 -20.92
N ASN F 82 26.67 -7.66 -21.50
CA ASN F 82 26.56 -6.67 -22.56
C ASN F 82 27.15 -5.34 -22.15
N ALA F 83 27.13 -5.03 -20.86
CA ALA F 83 27.71 -3.77 -20.38
C ALA F 83 29.25 -3.84 -20.50
N GLY F 84 29.75 -5.07 -20.64
CA GLY F 84 31.18 -5.28 -20.78
C GLY F 84 31.83 -5.99 -19.59
N CYS F 85 31.03 -6.64 -18.74
CA CYS F 85 31.58 -7.35 -17.59
C CYS F 85 32.00 -8.78 -17.92
N SER F 86 33.13 -9.20 -17.36
CA SER F 86 33.61 -10.56 -17.60
C SER F 86 32.89 -11.56 -16.68
N LYS F 87 32.66 -12.77 -17.19
CA LYS F 87 32.00 -13.79 -16.38
C LYS F 87 32.71 -13.86 -15.03
N ASP F 88 34.03 -13.68 -15.05
CA ASP F 88 34.83 -13.75 -13.84
C ASP F 88 34.23 -12.80 -12.81
N GLU F 89 34.25 -11.51 -13.14
CA GLU F 89 33.70 -10.47 -12.29
C GLU F 89 32.30 -10.81 -11.74
N ILE F 90 31.40 -11.21 -12.63
CA ILE F 90 30.04 -11.56 -12.22
C ILE F 90 30.09 -12.61 -11.14
N ILE F 91 30.80 -13.69 -11.42
CA ILE F 91 30.93 -14.77 -10.45
C ILE F 91 31.58 -14.30 -9.14
N GLU F 92 32.47 -13.31 -9.22
CA GLU F 92 33.09 -12.83 -8.02
C GLU F 92 32.07 -12.27 -7.05
N VAL F 93 31.27 -11.29 -7.48
CA VAL F 93 30.29 -10.71 -6.59
C VAL F 93 29.42 -11.78 -5.92
N MSE F 94 29.08 -12.83 -6.65
CA MSE F 94 28.26 -13.85 -6.05
C MSE F 94 29.04 -14.62 -5.00
O MSE F 94 28.44 -15.24 -4.10
CB MSE F 94 27.70 -14.76 -7.12
CG MSE F 94 26.61 -14.07 -7.84
SE MSE F 94 26.02 -14.95 -9.40
CE MSE F 94 25.44 -13.40 -10.41
N ILE F 95 30.37 -14.59 -5.07
CA ILE F 95 31.16 -15.27 -4.07
C ILE F 95 31.19 -14.39 -2.84
N GLN F 96 31.50 -13.10 -3.02
CA GLN F 96 31.57 -12.19 -1.88
C GLN F 96 30.23 -12.09 -1.16
N MSE F 97 29.17 -12.59 -1.78
CA MSE F 97 27.85 -12.54 -1.18
C MSE F 97 27.60 -13.63 -0.13
O MSE F 97 26.77 -13.47 0.76
CB MSE F 97 26.79 -12.60 -2.26
CG MSE F 97 25.72 -11.54 -2.12
SE MSE F 97 26.46 -9.76 -2.11
CE MSE F 97 27.05 -9.61 -0.28
N ALA F 98 28.35 -14.73 -0.24
CA ALA F 98 28.21 -15.85 0.69
C ALA F 98 28.62 -15.41 2.10
N VAL F 99 29.43 -14.37 2.15
CA VAL F 99 29.89 -13.80 3.41
C VAL F 99 28.83 -12.92 4.04
N TYR F 100 28.41 -11.87 3.33
CA TYR F 100 27.43 -10.94 3.85
C TYR F 100 25.95 -11.33 3.73
N ALA F 101 25.64 -12.45 3.08
CA ALA F 101 24.25 -12.85 2.90
C ALA F 101 24.02 -14.35 3.00
N GLY F 102 25.09 -15.11 3.22
CA GLY F 102 24.95 -16.54 3.37
C GLY F 102 25.24 -17.41 2.16
N PHE F 103 25.60 -18.66 2.43
CA PHE F 103 25.95 -19.59 1.37
C PHE F 103 24.83 -19.99 0.46
N PRO F 104 23.63 -20.14 1.00
CA PRO F 104 22.55 -20.52 0.09
C PRO F 104 22.25 -19.43 -0.93
N ALA F 105 22.47 -18.17 -0.55
CA ALA F 105 22.21 -17.06 -1.46
C ALA F 105 23.17 -17.12 -2.63
N ALA F 106 24.46 -17.26 -2.32
CA ALA F 106 25.48 -17.32 -3.34
C ALA F 106 25.38 -18.59 -4.18
N ILE F 107 25.17 -19.74 -3.53
CA ILE F 107 25.04 -20.97 -4.29
C ILE F 107 23.87 -20.85 -5.26
N ASN F 108 22.77 -20.28 -4.80
CA ASN F 108 21.59 -20.15 -5.66
C ASN F 108 21.76 -19.15 -6.81
N ALA F 109 22.54 -18.10 -6.58
CA ALA F 109 22.79 -17.06 -7.59
C ALA F 109 23.75 -17.52 -8.69
N VAL F 110 24.82 -18.21 -8.31
CA VAL F 110 25.78 -18.70 -9.29
C VAL F 110 25.09 -19.69 -10.24
N LEU F 111 24.26 -20.57 -9.69
CA LEU F 111 23.52 -21.53 -10.47
C LEU F 111 22.67 -20.85 -11.54
N ALA F 112 22.27 -19.62 -11.27
CA ALA F 112 21.44 -18.86 -12.19
C ALA F 112 22.33 -18.19 -13.22
N ALA F 113 23.52 -17.79 -12.81
CA ALA F 113 24.44 -17.18 -13.75
C ALA F 113 24.94 -18.26 -14.73
N LYS F 114 24.97 -19.50 -14.24
CA LYS F 114 25.41 -20.63 -15.05
C LYS F 114 24.53 -20.67 -16.29
N GLU F 115 23.23 -20.80 -16.07
CA GLU F 115 22.28 -20.87 -17.17
C GLU F 115 22.57 -19.81 -18.23
N VAL F 116 22.43 -18.54 -17.85
CA VAL F 116 22.67 -17.47 -18.80
C VAL F 116 24.04 -17.66 -19.46
N PHE F 117 25.04 -18.03 -18.68
CA PHE F 117 26.36 -18.24 -19.24
C PHE F 117 26.29 -19.19 -20.43
N THR F 118 25.53 -20.27 -20.26
CA THR F 118 25.38 -21.28 -21.31
C THR F 118 24.03 -21.22 -21.98
N GLU F 119 23.74 -20.17 -22.75
CA GLU F 119 22.44 -20.15 -23.37
C GLU F 119 22.41 -20.76 -24.77
N ASN F 120 23.52 -20.73 -25.49
CA ASN F 120 23.53 -21.38 -26.80
C ASN F 120 24.51 -22.54 -26.85
N ASP F 121 24.05 -23.66 -27.41
CA ASP F 121 24.86 -24.86 -27.57
C ASP F 121 25.77 -24.72 -28.78
N GLU G 2 -33.70 1.38 -29.81
CA GLU G 2 -32.24 1.41 -30.08
C GLU G 2 -31.45 0.91 -28.86
N ARG G 3 -30.15 1.19 -28.87
CA ARG G 3 -29.24 0.77 -27.80
C ARG G 3 -29.28 1.65 -26.55
N TYR G 4 -30.38 2.36 -26.34
CA TYR G 4 -30.49 3.19 -25.16
C TYR G 4 -30.69 2.24 -23.97
N ARG G 5 -30.76 0.95 -24.29
CA ARG G 5 -30.94 -0.09 -23.28
C ARG G 5 -29.72 -0.13 -22.37
N ARG G 6 -28.57 0.24 -22.91
CA ARG G 6 -27.33 0.26 -22.14
C ARG G 6 -27.56 1.04 -20.86
N GLY G 7 -28.21 2.19 -20.98
CA GLY G 7 -28.49 3.02 -19.82
C GLY G 7 -29.15 2.24 -18.70
N MSE G 8 -30.32 1.67 -18.98
CA MSE G 8 -31.06 0.89 -17.98
C MSE G 8 -30.33 -0.40 -17.64
O MSE G 8 -30.95 -1.36 -17.19
CB MSE G 8 -32.48 0.59 -18.46
CG MSE G 8 -33.51 1.74 -18.34
SE MSE G 8 -34.22 2.15 -16.53
CE MSE G 8 -35.34 3.69 -16.92
N GLU G 9 -29.03 -0.43 -17.87
CA GLU G 9 -28.21 -1.61 -17.57
C GLU G 9 -27.06 -1.10 -16.73
N ILE G 10 -26.97 0.22 -16.66
CA ILE G 10 -25.96 0.92 -15.89
C ILE G 10 -26.61 1.26 -14.57
N LEU G 11 -27.66 2.09 -14.64
CA LEU G 11 -28.39 2.48 -13.43
C LEU G 11 -29.18 1.28 -12.91
N ASN G 12 -29.30 0.25 -13.74
CA ASN G 12 -30.06 -0.93 -13.36
C ASN G 12 -29.41 -1.77 -12.27
N ARG G 13 -28.09 -1.71 -12.17
CA ARG G 13 -27.37 -2.48 -11.16
C ARG G 13 -27.20 -1.68 -9.89
N MSE G 14 -27.11 -0.35 -10.02
CA MSE G 14 -26.97 0.49 -8.85
C MSE G 14 -28.35 0.60 -8.22
O MSE G 14 -28.76 -0.26 -7.45
CB MSE G 14 -26.55 1.92 -9.22
CG MSE G 14 -25.23 2.13 -9.90
SE MSE G 14 -25.10 4.06 -10.06
CE MSE G 14 -23.24 4.29 -10.40
N ASN G 15 -29.05 1.65 -8.61
CA ASN G 15 -30.37 1.91 -8.07
C ASN G 15 -31.51 1.27 -8.83
N ARG G 16 -31.69 -0.04 -8.64
CA ARG G 16 -32.78 -0.74 -9.29
C ARG G 16 -34.09 -0.27 -8.67
N LYS G 17 -34.10 -0.12 -7.35
CA LYS G 17 -35.31 0.34 -6.68
C LYS G 17 -35.72 1.70 -7.26
N SER G 18 -34.74 2.52 -7.63
CA SER G 18 -35.03 3.82 -8.23
C SER G 18 -35.62 3.61 -9.62
N TYR G 19 -35.00 2.69 -10.37
CA TYR G 19 -35.44 2.31 -11.71
C TYR G 19 -36.86 1.78 -11.59
N THR G 20 -37.06 0.87 -10.65
CA THR G 20 -38.36 0.28 -10.42
C THR G 20 -39.22 1.28 -9.66
N ALA G 21 -38.95 2.56 -9.87
CA ALA G 21 -39.69 3.62 -9.19
C ALA G 21 -40.17 4.66 -10.18
N ILE G 22 -39.21 5.27 -10.88
CA ILE G 22 -39.53 6.30 -11.85
C ILE G 22 -40.41 5.83 -13.01
N ARG G 23 -40.93 4.61 -12.92
CA ARG G 23 -41.84 4.13 -13.95
C ARG G 23 -43.20 4.63 -13.47
N ASP G 24 -43.20 5.13 -12.23
CA ASP G 24 -44.39 5.71 -11.60
C ASP G 24 -44.35 7.18 -12.03
N GLU G 25 -43.94 7.36 -13.28
CA GLU G 25 -43.81 8.65 -13.90
C GLU G 25 -44.11 8.41 -15.36
N LEU G 26 -44.24 7.14 -15.72
CA LEU G 26 -44.55 6.74 -17.09
C LEU G 26 -46.01 7.02 -17.42
N GLU G 27 -46.82 7.29 -16.40
CA GLU G 27 -48.24 7.56 -16.60
C GLU G 27 -48.61 9.03 -16.39
N ASP G 28 -47.61 9.88 -16.27
CA ASP G 28 -47.84 11.31 -16.07
C ASP G 28 -47.16 12.14 -17.16
N VAL G 29 -45.86 12.30 -17.04
CA VAL G 29 -45.10 13.03 -18.03
C VAL G 29 -44.80 11.99 -19.09
N ALA G 30 -44.66 12.44 -20.34
CA ALA G 30 -44.34 11.51 -21.41
C ALA G 30 -43.19 10.67 -20.89
N PRO G 31 -43.30 9.35 -20.99
CA PRO G 31 -42.18 8.53 -20.50
C PRO G 31 -40.87 8.97 -21.14
N ASP G 32 -40.96 9.95 -22.05
CA ASP G 32 -39.79 10.49 -22.74
C ASP G 32 -38.78 11.05 -21.75
N LEU G 33 -39.26 11.60 -20.65
CA LEU G 33 -38.37 12.13 -19.65
C LEU G 33 -37.66 10.95 -19.02
N ALA G 34 -38.43 9.98 -18.54
CA ALA G 34 -37.85 8.79 -17.93
C ALA G 34 -36.96 8.09 -18.93
N ARG G 35 -37.26 8.32 -20.21
CA ARG G 35 -36.49 7.72 -21.30
C ARG G 35 -35.15 8.42 -21.37
N PHE G 36 -35.18 9.69 -21.75
CA PHE G 36 -33.94 10.47 -21.85
C PHE G 36 -33.00 10.21 -20.67
N VAL G 37 -33.56 10.03 -19.48
CA VAL G 37 -32.73 9.78 -18.33
C VAL G 37 -31.77 8.65 -18.64
N ALA G 38 -32.28 7.61 -19.32
CA ALA G 38 -31.44 6.47 -19.72
C ALA G 38 -30.76 6.77 -21.06
N GLU G 39 -31.56 7.24 -21.99
CA GLU G 39 -31.09 7.55 -23.34
C GLU G 39 -30.03 8.65 -23.42
N PHE G 40 -29.88 9.43 -22.34
CA PHE G 40 -28.93 10.54 -22.35
C PHE G 40 -28.24 10.82 -21.03
N ALA G 41 -29.02 11.01 -19.97
CA ALA G 41 -28.44 11.27 -18.66
C ALA G 41 -27.47 10.15 -18.34
N TYR G 42 -27.98 9.04 -17.80
CA TYR G 42 -27.12 7.92 -17.45
C TYR G 42 -26.41 7.33 -18.66
N GLY G 43 -27.10 6.43 -19.34
CA GLY G 43 -26.57 5.76 -20.52
C GLY G 43 -25.70 6.49 -21.55
N ASP G 44 -25.83 7.81 -21.66
CA ASP G 44 -25.03 8.55 -22.65
C ASP G 44 -23.86 9.33 -22.06
N VAL G 45 -23.97 9.66 -20.78
CA VAL G 45 -22.93 10.41 -20.09
C VAL G 45 -22.11 9.60 -19.08
N TYR G 46 -22.78 8.98 -18.13
CA TYR G 46 -22.12 8.19 -17.10
C TYR G 46 -21.22 7.11 -17.68
N SER G 47 -21.65 6.52 -18.79
CA SER G 47 -20.89 5.47 -19.45
C SER G 47 -19.69 6.07 -20.18
N ARG G 48 -18.69 6.47 -19.41
CA ARG G 48 -17.49 7.07 -19.97
C ARG G 48 -16.31 6.72 -19.08
N GLY G 49 -15.36 5.99 -19.65
CA GLY G 49 -14.20 5.57 -18.90
C GLY G 49 -13.17 6.63 -18.55
N VAL G 50 -13.62 7.80 -18.09
CA VAL G 50 -12.67 8.85 -17.71
C VAL G 50 -12.58 8.91 -16.21
N LEU G 51 -13.74 8.77 -15.55
CA LEU G 51 -13.78 8.81 -14.09
C LEU G 51 -14.45 7.55 -13.55
N ASP G 52 -13.83 6.99 -12.53
CA ASP G 52 -14.34 5.79 -11.88
C ASP G 52 -15.84 5.97 -11.68
N LEU G 53 -16.54 4.90 -11.34
CA LEU G 53 -17.95 5.06 -11.12
C LEU G 53 -18.10 5.86 -9.84
N LYS G 54 -17.52 5.34 -8.77
CA LYS G 54 -17.61 5.99 -7.48
C LYS G 54 -17.45 7.50 -7.51
N THR G 55 -16.56 8.00 -8.37
CA THR G 55 -16.33 9.43 -8.46
C THR G 55 -17.55 10.19 -9.00
N ARG G 56 -18.09 9.75 -10.12
CA ARG G 56 -19.26 10.41 -10.69
C ARG G 56 -20.45 10.47 -9.73
N GLU G 57 -20.57 9.47 -8.85
CA GLU G 57 -21.66 9.45 -7.89
C GLU G 57 -21.41 10.51 -6.83
N LEU G 58 -20.17 10.60 -6.39
CA LEU G 58 -19.77 11.56 -5.38
C LEU G 58 -19.93 13.00 -5.91
N LEU G 59 -19.56 13.20 -7.17
CA LEU G 59 -19.70 14.51 -7.79
C LEU G 59 -21.16 14.88 -7.86
N THR G 60 -21.99 13.89 -8.15
CA THR G 60 -23.41 14.13 -8.25
C THR G 60 -23.96 14.50 -6.89
N LEU G 61 -23.36 13.97 -5.83
CA LEU G 61 -23.85 14.31 -4.51
C LEU G 61 -23.59 15.79 -4.27
N ALA G 62 -22.41 16.24 -4.67
CA ALA G 62 -22.01 17.63 -4.56
C ALA G 62 -22.93 18.55 -5.34
N ALA G 63 -23.20 18.21 -6.60
CA ALA G 63 -24.07 19.05 -7.40
C ALA G 63 -25.48 19.16 -6.80
N LEU G 64 -25.98 18.07 -6.23
CA LEU G 64 -27.33 18.07 -5.68
C LEU G 64 -27.41 18.57 -4.23
N THR G 65 -26.29 18.96 -3.68
CA THR G 65 -26.29 19.49 -2.34
C THR G 65 -26.55 20.98 -2.56
N VAL G 66 -25.84 21.53 -3.53
CA VAL G 66 -25.98 22.94 -3.88
C VAL G 66 -27.38 23.31 -4.38
N LEU G 67 -28.02 22.43 -5.15
CA LEU G 67 -29.35 22.67 -5.69
C LEU G 67 -30.40 22.44 -4.62
N ARG G 68 -29.94 22.00 -3.46
CA ARG G 68 -30.87 21.72 -2.37
C ARG G 68 -31.97 20.75 -2.76
N ALA G 69 -31.71 19.91 -3.74
CA ALA G 69 -32.70 18.94 -4.16
C ALA G 69 -32.62 17.82 -3.11
N ASP G 70 -33.75 17.39 -2.56
CA ASP G 70 -33.73 16.35 -1.52
C ASP G 70 -34.16 14.95 -1.98
N ASP G 71 -35.01 14.90 -3.00
CA ASP G 71 -35.49 13.62 -3.52
C ASP G 71 -34.36 12.99 -4.32
N GLN G 72 -33.89 13.71 -5.32
CA GLN G 72 -32.80 13.25 -6.17
C GLN G 72 -31.54 12.99 -5.36
N LEU G 73 -31.43 13.64 -4.20
CA LEU G 73 -30.26 13.46 -3.35
C LEU G 73 -30.31 12.12 -2.65
N LYS G 74 -31.47 11.80 -2.10
CA LYS G 74 -31.64 10.52 -1.43
C LYS G 74 -31.29 9.41 -2.42
N SER G 75 -31.91 9.44 -3.59
CA SER G 75 -31.70 8.45 -4.64
C SER G 75 -30.26 8.22 -5.01
N HIS G 76 -29.48 9.28 -5.14
CA HIS G 76 -28.10 9.12 -5.49
C HIS G 76 -27.16 8.71 -4.37
N VAL G 77 -27.60 8.88 -3.12
CA VAL G 77 -26.77 8.48 -1.99
C VAL G 77 -26.85 6.96 -1.97
N ARG G 78 -28.08 6.48 -2.18
CA ARG G 78 -28.37 5.06 -2.23
C ARG G 78 -27.47 4.49 -3.34
N GLY G 79 -27.53 5.11 -4.52
CA GLY G 79 -26.72 4.70 -5.65
C GLY G 79 -25.24 4.86 -5.40
N ALA G 80 -24.86 5.78 -4.52
CA ALA G 80 -23.45 6.00 -4.19
C ALA G 80 -22.94 4.85 -3.34
N LEU G 81 -23.84 4.25 -2.57
CA LEU G 81 -23.48 3.12 -1.73
C LEU G 81 -23.32 1.83 -2.57
N ASN G 82 -24.26 1.59 -3.49
CA ASN G 82 -24.21 0.40 -4.33
C ASN G 82 -22.93 0.34 -5.15
N ALA G 83 -22.30 1.49 -5.34
CA ALA G 83 -21.06 1.55 -6.09
C ALA G 83 -19.92 1.42 -5.11
N GLY G 84 -20.25 1.16 -3.85
CA GLY G 84 -19.24 0.99 -2.82
C GLY G 84 -18.61 2.19 -2.12
N CYS G 85 -19.36 3.28 -1.94
CA CYS G 85 -18.81 4.44 -1.25
C CYS G 85 -19.22 4.35 0.22
N SER G 86 -18.27 4.60 1.12
CA SER G 86 -18.56 4.53 2.55
C SER G 86 -19.29 5.77 3.05
N LYS G 87 -19.98 5.62 4.17
CA LYS G 87 -20.69 6.72 4.76
C LYS G 87 -19.69 7.86 4.98
N ASP G 88 -18.48 7.51 5.42
CA ASP G 88 -17.45 8.50 5.68
C ASP G 88 -17.19 9.32 4.43
N GLU G 89 -17.06 8.66 3.29
CA GLU G 89 -16.82 9.37 2.04
C GLU G 89 -18.00 10.31 1.75
N ILE G 90 -19.22 9.78 1.85
CA ILE G 90 -20.41 10.58 1.58
C ILE G 90 -20.50 11.78 2.50
N ILE G 91 -20.42 11.52 3.80
CA ILE G 91 -20.49 12.58 4.78
C ILE G 91 -19.45 13.64 4.51
N GLU G 92 -18.28 13.21 4.04
CA GLU G 92 -17.17 14.12 3.73
C GLU G 92 -17.47 15.20 2.69
N VAL G 93 -17.86 14.79 1.49
CA VAL G 93 -18.17 15.71 0.42
C VAL G 93 -19.20 16.76 0.87
N MSE G 94 -20.16 16.34 1.68
CA MSE G 94 -21.17 17.27 2.14
C MSE G 94 -20.58 18.23 3.17
O MSE G 94 -21.06 19.36 3.31
CB MSE G 94 -22.39 16.51 2.66
CG MSE G 94 -23.09 15.73 1.55
SE MSE G 94 -24.48 14.51 2.13
CE MSE G 94 -23.64 13.88 3.75
N ILE G 95 -19.56 17.80 3.88
CA ILE G 95 -18.92 18.69 4.84
C ILE G 95 -18.22 19.74 4.02
N GLN G 96 -17.57 19.33 2.94
CA GLN G 96 -16.87 20.26 2.09
C GLN G 96 -17.81 21.28 1.43
N MSE G 97 -19.02 20.85 1.13
CA MSE G 97 -19.99 21.74 0.52
C MSE G 97 -20.33 22.93 1.42
O MSE G 97 -20.83 23.94 0.94
CB MSE G 97 -21.26 20.97 0.16
CG MSE G 97 -21.06 19.94 -0.93
SE MSE G 97 -20.04 20.60 -2.46
CE MSE G 97 -21.13 22.12 -2.85
N ALA G 98 -20.05 22.80 2.71
CA ALA G 98 -20.30 23.86 3.69
C ALA G 98 -19.54 25.12 3.36
N VAL G 99 -18.34 24.96 2.87
CA VAL G 99 -17.51 26.09 2.52
C VAL G 99 -17.87 26.74 1.19
N TYR G 100 -18.29 25.92 0.23
CA TYR G 100 -18.61 26.42 -1.11
C TYR G 100 -20.08 26.73 -1.33
N ALA G 101 -20.95 26.16 -0.52
CA ALA G 101 -22.39 26.41 -0.67
C ALA G 101 -23.07 26.92 0.62
N GLY G 102 -22.35 26.87 1.73
CA GLY G 102 -22.91 27.34 2.98
C GLY G 102 -23.39 26.22 3.86
N PHE G 103 -23.34 26.44 5.16
CA PHE G 103 -23.79 25.43 6.10
C PHE G 103 -25.23 24.99 5.90
N PRO G 104 -26.13 25.92 5.55
CA PRO G 104 -27.51 25.44 5.38
C PRO G 104 -27.70 24.33 4.31
N ALA G 105 -26.86 24.32 3.27
CA ALA G 105 -26.98 23.31 2.23
C ALA G 105 -26.47 21.98 2.75
N ALA G 106 -25.29 22.05 3.37
CA ALA G 106 -24.62 20.91 3.95
C ALA G 106 -25.48 20.27 5.01
N ILE G 107 -25.95 21.07 5.95
CA ILE G 107 -26.78 20.51 7.01
C ILE G 107 -28.01 19.87 6.34
N ASN G 108 -28.47 20.48 5.25
CA ASN G 108 -29.62 19.91 4.56
C ASN G 108 -29.33 18.53 3.97
N ALA G 109 -28.28 18.43 3.14
CA ALA G 109 -27.90 17.16 2.51
C ALA G 109 -27.64 16.03 3.50
N VAL G 110 -26.94 16.36 4.57
CA VAL G 110 -26.60 15.41 5.60
C VAL G 110 -27.86 14.89 6.28
N LEU G 111 -28.83 15.77 6.53
CA LEU G 111 -30.06 15.31 7.17
C LEU G 111 -30.83 14.40 6.24
N ALA G 112 -30.50 14.44 4.95
CA ALA G 112 -31.18 13.56 3.99
C ALA G 112 -30.44 12.22 3.98
N ALA G 113 -29.12 12.25 3.96
CA ALA G 113 -28.36 11.01 3.95
C ALA G 113 -28.72 10.21 5.19
N LYS G 114 -29.13 10.90 6.24
CA LYS G 114 -29.49 10.28 7.51
C LYS G 114 -30.66 9.34 7.36
N GLU G 115 -31.62 9.73 6.52
CA GLU G 115 -32.80 8.93 6.28
C GLU G 115 -32.46 7.69 5.47
N VAL G 116 -31.55 7.83 4.49
CA VAL G 116 -31.16 6.70 3.67
C VAL G 116 -30.29 5.75 4.49
N PHE G 117 -29.35 6.30 5.26
CA PHE G 117 -28.49 5.48 6.10
C PHE G 117 -29.31 4.64 7.08
N THR G 118 -30.60 4.95 7.19
CA THR G 118 -31.44 4.21 8.09
C THR G 118 -32.40 3.33 7.30
N GLU G 119 -32.15 2.02 7.28
CA GLU G 119 -32.99 1.07 6.58
C GLU G 119 -32.98 -0.31 7.24
N GLU H 2 -2.62 31.56 14.83
CA GLU H 2 -1.71 30.40 15.10
C GLU H 2 -1.89 29.25 14.09
N ARG H 3 -3.05 29.25 13.40
CA ARG H 3 -3.34 28.25 12.36
C ARG H 3 -3.45 29.08 11.09
N TYR H 4 -3.38 30.39 11.26
CA TYR H 4 -3.39 31.27 10.11
C TYR H 4 -2.14 30.79 9.36
N ARG H 5 -1.14 30.35 10.10
CA ARG H 5 0.10 29.91 9.49
C ARG H 5 -0.06 28.59 8.75
N ARG H 6 -0.58 27.59 9.46
CA ARG H 6 -0.79 26.28 8.87
C ARG H 6 -1.62 26.36 7.58
N GLY H 7 -2.70 27.13 7.58
CA GLY H 7 -3.52 27.24 6.39
C GLY H 7 -2.82 27.97 5.26
N MSE H 8 -2.18 29.09 5.57
CA MSE H 8 -1.50 29.84 4.54
C MSE H 8 -0.37 28.99 3.95
O MSE H 8 0.00 29.13 2.80
CB MSE H 8 -0.93 31.16 5.09
CG MSE H 8 -1.98 32.27 5.24
SE MSE H 8 -3.03 32.67 3.65
CE MSE H 8 -2.19 34.32 3.08
N GLU H 9 0.15 28.08 4.77
CA GLU H 9 1.22 27.20 4.34
C GLU H 9 0.64 26.21 3.34
N ILE H 10 -0.35 25.45 3.79
CA ILE H 10 -1.02 24.47 2.94
C ILE H 10 -1.37 25.10 1.59
N LEU H 11 -2.17 26.18 1.61
CA LEU H 11 -2.56 26.84 0.38
C LEU H 11 -1.39 27.30 -0.50
N ASN H 12 -0.31 27.77 0.10
CA ASN H 12 0.81 28.25 -0.69
C ASN H 12 1.47 27.16 -1.50
N ARG H 13 1.40 25.93 -1.01
CA ARG H 13 1.99 24.82 -1.73
C ARG H 13 0.98 24.21 -2.69
N MSE H 14 -0.31 24.53 -2.46
CA MSE H 14 -1.40 24.04 -3.29
C MSE H 14 -1.63 24.90 -4.51
O MSE H 14 -1.68 24.41 -5.63
CB MSE H 14 -2.70 24.03 -2.51
CG MSE H 14 -3.06 22.72 -1.89
SE MSE H 14 -4.78 22.89 -1.10
CE MSE H 14 -5.81 23.02 -2.74
N ASN H 15 -1.76 26.21 -4.28
CA ASN H 15 -2.01 27.12 -5.38
C ASN H 15 -1.44 28.51 -5.15
N ARG H 16 -0.19 28.72 -5.56
CA ARG H 16 0.49 30.00 -5.39
C ARG H 16 -0.29 31.21 -5.90
N LYS H 17 -1.11 31.00 -6.93
CA LYS H 17 -1.92 32.09 -7.49
C LYS H 17 -3.05 32.49 -6.54
N SER H 18 -3.86 31.51 -6.13
CA SER H 18 -4.95 31.77 -5.21
C SER H 18 -4.35 32.36 -3.94
N TYR H 19 -3.13 31.96 -3.61
CA TYR H 19 -2.44 32.44 -2.41
C TYR H 19 -2.16 33.95 -2.47
N THR H 20 -1.43 34.36 -3.50
CA THR H 20 -1.10 35.77 -3.65
C THR H 20 -2.39 36.57 -3.88
N ALA H 21 -3.34 35.97 -4.58
CA ALA H 21 -4.61 36.64 -4.85
C ALA H 21 -5.24 37.11 -3.55
N ILE H 22 -5.17 36.28 -2.54
CA ILE H 22 -5.73 36.60 -1.24
C ILE H 22 -5.01 37.74 -0.53
N ARG H 23 -3.70 37.87 -0.71
CA ARG H 23 -2.97 38.95 -0.05
C ARG H 23 -3.30 40.26 -0.69
N ASP H 24 -4.27 40.19 -1.61
CA ASP H 24 -4.80 41.35 -2.32
C ASP H 24 -6.33 41.47 -2.18
N GLU H 25 -6.78 41.06 -1.00
CA GLU H 25 -8.14 41.19 -0.55
C GLU H 25 -7.99 41.13 0.97
N LEU H 26 -6.73 41.05 1.40
CA LEU H 26 -6.37 40.99 2.82
C LEU H 26 -6.46 42.38 3.39
N GLU H 27 -6.30 43.36 2.50
CA GLU H 27 -6.36 44.75 2.91
C GLU H 27 -7.73 45.40 2.72
N ASP H 28 -8.52 44.93 1.74
CA ASP H 28 -9.84 45.50 1.53
C ASP H 28 -10.77 45.01 2.59
N VAL H 29 -11.15 43.75 2.48
CA VAL H 29 -12.02 43.18 3.49
C VAL H 29 -11.11 43.03 4.69
N ALA H 30 -11.67 43.12 5.87
CA ALA H 30 -10.90 42.96 7.09
C ALA H 30 -9.89 41.82 6.90
N PRO H 31 -8.77 41.88 7.62
CA PRO H 31 -7.88 40.73 7.39
C PRO H 31 -8.69 39.49 7.76
N ASP H 32 -9.88 39.74 8.33
CA ASP H 32 -10.82 38.72 8.80
C ASP H 32 -11.36 37.69 7.83
N LEU H 33 -11.73 38.11 6.63
CA LEU H 33 -12.23 37.13 5.69
C LEU H 33 -11.05 36.40 5.10
N ALA H 34 -10.01 37.16 4.77
CA ALA H 34 -8.81 36.55 4.21
C ALA H 34 -8.28 35.57 5.23
N ARG H 35 -8.65 35.76 6.48
CA ARG H 35 -8.19 34.89 7.54
C ARG H 35 -9.09 33.67 7.70
N PHE H 36 -10.40 33.85 7.72
CA PHE H 36 -11.28 32.71 7.84
C PHE H 36 -11.08 31.74 6.69
N VAL H 37 -10.74 32.24 5.51
CA VAL H 37 -10.55 31.34 4.41
C VAL H 37 -9.33 30.50 4.74
N ALA H 38 -8.26 31.15 5.16
CA ALA H 38 -7.02 30.48 5.51
C ALA H 38 -7.25 29.55 6.71
N GLU H 39 -7.86 30.07 7.76
CA GLU H 39 -8.12 29.25 8.93
C GLU H 39 -9.12 28.12 8.69
N PHE H 40 -10.35 28.47 8.41
CA PHE H 40 -11.40 27.49 8.21
C PHE H 40 -11.45 26.61 6.95
N ALA H 41 -11.32 27.22 5.77
CA ALA H 41 -11.40 26.46 4.53
C ALA H 41 -10.24 25.56 4.24
N TYR H 42 -9.04 26.12 4.13
CA TYR H 42 -7.88 25.30 3.83
C TYR H 42 -7.28 24.61 5.04
N GLY H 43 -7.14 25.33 6.14
CA GLY H 43 -6.57 24.73 7.32
C GLY H 43 -7.51 23.85 8.13
N ASP H 44 -8.80 23.82 7.79
CA ASP H 44 -9.70 23.00 8.57
C ASP H 44 -10.49 21.98 7.77
N VAL H 45 -10.44 22.09 6.45
CA VAL H 45 -11.18 21.15 5.63
C VAL H 45 -10.27 20.40 4.66
N TYR H 46 -9.36 21.12 4.00
CA TYR H 46 -8.44 20.47 3.07
C TYR H 46 -7.37 19.65 3.81
N SER H 47 -7.17 19.99 5.08
CA SER H 47 -6.20 19.32 5.92
C SER H 47 -6.79 18.00 6.47
N ARG H 48 -8.05 17.74 6.15
CA ARG H 48 -8.70 16.52 6.60
C ARG H 48 -8.41 15.41 5.59
N GLY H 49 -8.33 14.17 6.07
CA GLY H 49 -8.02 13.10 5.16
C GLY H 49 -8.94 11.91 5.12
N VAL H 50 -9.63 11.77 4.01
CA VAL H 50 -10.51 10.64 3.81
C VAL H 50 -10.61 10.58 2.31
N LEU H 51 -10.53 11.77 1.73
CA LEU H 51 -10.56 11.88 0.29
C LEU H 51 -9.21 12.50 -0.07
N ASP H 52 -8.66 12.09 -1.20
CA ASP H 52 -7.38 12.62 -1.64
C ASP H 52 -7.63 14.06 -2.07
N LEU H 53 -6.57 14.85 -2.18
CA LEU H 53 -6.71 16.24 -2.62
C LEU H 53 -7.29 16.27 -4.03
N LYS H 54 -6.98 15.25 -4.82
CA LYS H 54 -7.44 15.14 -6.20
C LYS H 54 -8.96 15.08 -6.28
N THR H 55 -9.55 14.24 -5.46
CA THR H 55 -10.99 14.09 -5.44
C THR H 55 -11.61 15.41 -4.94
N ARG H 56 -10.92 16.08 -4.04
CA ARG H 56 -11.43 17.33 -3.51
C ARG H 56 -11.49 18.43 -4.53
N GLU H 57 -10.38 18.75 -5.18
CA GLU H 57 -10.40 19.81 -6.19
C GLU H 57 -11.42 19.55 -7.28
N LEU H 58 -11.92 18.33 -7.36
CA LEU H 58 -12.91 17.94 -8.36
C LEU H 58 -14.35 18.20 -7.89
N LEU H 59 -14.62 17.91 -6.63
CA LEU H 59 -15.95 18.12 -6.04
C LEU H 59 -16.23 19.62 -5.93
N THR H 60 -15.16 20.38 -5.69
CA THR H 60 -15.22 21.83 -5.58
C THR H 60 -15.59 22.37 -6.96
N LEU H 61 -14.95 21.83 -7.99
CA LEU H 61 -15.22 22.24 -9.36
C LEU H 61 -16.69 22.04 -9.71
N ALA H 62 -17.29 20.99 -9.17
CA ALA H 62 -18.69 20.70 -9.44
C ALA H 62 -19.56 21.73 -8.75
N ALA H 63 -19.20 22.06 -7.52
CA ALA H 63 -19.94 23.02 -6.72
C ALA H 63 -20.05 24.38 -7.41
N LEU H 64 -18.92 24.87 -7.90
CA LEU H 64 -18.86 26.17 -8.54
C LEU H 64 -19.46 26.23 -9.94
N THR H 65 -19.63 25.08 -10.60
CA THR H 65 -20.21 25.10 -11.94
C THR H 65 -21.67 25.49 -11.79
N VAL H 66 -22.32 24.95 -10.77
CA VAL H 66 -23.72 25.28 -10.52
C VAL H 66 -23.90 26.74 -10.09
N LEU H 67 -22.99 27.24 -9.25
CA LEU H 67 -23.03 28.62 -8.76
C LEU H 67 -22.51 29.65 -9.79
N ARG H 68 -22.04 29.16 -10.93
CA ARG H 68 -21.51 30.01 -11.99
C ARG H 68 -20.45 30.98 -11.46
N ALA H 69 -19.79 30.61 -10.36
CA ALA H 69 -18.77 31.45 -9.75
C ALA H 69 -17.46 31.34 -10.52
N ASP H 70 -17.44 31.96 -11.70
CA ASP H 70 -16.29 31.93 -12.62
C ASP H 70 -14.91 32.30 -12.09
N ASP H 71 -14.80 33.30 -11.22
CA ASP H 71 -13.49 33.69 -10.68
C ASP H 71 -12.93 32.51 -9.90
N GLN H 72 -13.75 31.99 -8.98
CA GLN H 72 -13.38 30.88 -8.13
C GLN H 72 -13.22 29.55 -8.89
N LEU H 73 -13.81 29.48 -10.09
CA LEU H 73 -13.75 28.29 -10.89
C LEU H 73 -12.39 28.18 -11.57
N LYS H 74 -11.87 29.31 -12.03
CA LYS H 74 -10.57 29.33 -12.67
C LYS H 74 -9.47 29.04 -11.63
N SER H 75 -9.64 29.56 -10.42
CA SER H 75 -8.64 29.34 -9.40
C SER H 75 -8.57 27.89 -9.02
N HIS H 76 -9.69 27.19 -9.05
CA HIS H 76 -9.65 25.79 -8.67
C HIS H 76 -9.25 24.83 -9.76
N VAL H 77 -9.38 25.25 -11.01
CA VAL H 77 -8.98 24.43 -12.13
C VAL H 77 -7.48 24.38 -11.97
N ARG H 78 -6.85 25.53 -11.75
CA ARG H 78 -5.41 25.57 -11.54
C ARG H 78 -5.10 24.70 -10.34
N GLY H 79 -5.94 24.81 -9.31
CA GLY H 79 -5.75 24.02 -8.12
C GLY H 79 -5.78 22.52 -8.42
N ALA H 80 -6.72 22.11 -9.27
CA ALA H 80 -6.84 20.70 -9.63
C ALA H 80 -5.70 20.19 -10.52
N LEU H 81 -5.29 20.98 -11.50
CA LEU H 81 -4.20 20.57 -12.36
C LEU H 81 -2.95 20.32 -11.50
N ASN H 82 -2.75 21.18 -10.50
CA ASN H 82 -1.62 21.08 -9.59
C ASN H 82 -1.65 19.79 -8.76
N ALA H 83 -2.85 19.35 -8.43
CA ALA H 83 -3.02 18.15 -7.63
C ALA H 83 -2.66 16.89 -8.41
N GLY H 84 -2.89 16.94 -9.72
CA GLY H 84 -2.61 15.78 -10.55
C GLY H 84 -3.65 15.61 -11.63
N CYS H 85 -4.87 16.04 -11.35
CA CYS H 85 -5.97 15.95 -12.30
C CYS H 85 -5.56 16.31 -13.74
N SER H 86 -6.12 15.57 -14.69
CA SER H 86 -5.84 15.80 -16.09
C SER H 86 -6.90 16.74 -16.66
N LYS H 87 -6.53 17.53 -17.67
CA LYS H 87 -7.48 18.45 -18.30
C LYS H 87 -8.71 17.68 -18.70
N ASP H 88 -8.55 16.38 -18.99
CA ASP H 88 -9.66 15.51 -19.38
C ASP H 88 -10.58 15.22 -18.21
N GLU H 89 -9.98 14.96 -17.04
CA GLU H 89 -10.78 14.71 -15.86
C GLU H 89 -11.55 16.00 -15.49
N ILE H 90 -10.89 17.15 -15.59
CA ILE H 90 -11.53 18.42 -15.29
C ILE H 90 -12.75 18.65 -16.19
N ILE H 91 -12.56 18.54 -17.49
CA ILE H 91 -13.66 18.73 -18.43
C ILE H 91 -14.76 17.70 -18.25
N GLU H 92 -14.39 16.51 -17.80
CA GLU H 92 -15.37 15.48 -17.62
C GLU H 92 -16.45 15.89 -16.61
N VAL H 93 -16.04 16.23 -15.39
CA VAL H 93 -16.99 16.65 -14.36
C VAL H 93 -17.89 17.80 -14.84
N MSE H 94 -17.37 18.67 -15.68
CA MSE H 94 -18.16 19.78 -16.20
C MSE H 94 -19.25 19.33 -17.15
O MSE H 94 -20.34 19.91 -17.17
CB MSE H 94 -17.26 20.79 -16.87
CG MSE H 94 -16.48 21.53 -15.83
SE MSE H 94 -15.18 22.70 -16.51
CE MSE H 94 -14.34 23.07 -14.80
N ILE H 95 -18.98 18.31 -17.95
CA ILE H 95 -19.96 17.79 -18.87
C ILE H 95 -21.05 17.09 -18.05
N GLN H 96 -20.63 16.33 -17.06
CA GLN H 96 -21.60 15.62 -16.25
C GLN H 96 -22.55 16.63 -15.58
N MSE H 97 -22.07 17.86 -15.42
CA MSE H 97 -22.87 18.88 -14.79
C MSE H 97 -24.03 19.33 -15.67
O MSE H 97 -24.96 19.97 -15.19
CB MSE H 97 -22.01 20.08 -14.41
CG MSE H 97 -21.13 19.84 -13.20
SE MSE H 97 -22.16 19.23 -11.69
CE MSE H 97 -21.86 17.33 -11.82
N ALA H 98 -23.98 18.98 -16.96
CA ALA H 98 -25.05 19.35 -17.88
C ALA H 98 -26.35 18.58 -17.59
N VAL H 99 -26.21 17.42 -16.95
CA VAL H 99 -27.37 16.62 -16.64
C VAL H 99 -27.97 17.06 -15.33
N TYR H 100 -27.13 17.35 -14.35
CA TYR H 100 -27.64 17.74 -13.05
C TYR H 100 -27.87 19.24 -12.84
N ALA H 101 -27.01 20.06 -13.42
CA ALA H 101 -27.16 21.50 -13.27
C ALA H 101 -27.66 22.21 -14.52
N GLY H 102 -27.64 21.53 -15.66
CA GLY H 102 -28.11 22.16 -16.89
C GLY H 102 -27.02 22.50 -17.88
N PHE H 103 -27.41 22.65 -19.15
CA PHE H 103 -26.46 22.95 -20.21
C PHE H 103 -25.72 24.30 -20.13
N PRO H 104 -26.40 25.36 -19.66
CA PRO H 104 -25.68 26.65 -19.60
C PRO H 104 -24.57 26.65 -18.55
N ALA H 105 -24.77 25.89 -17.49
CA ALA H 105 -23.78 25.81 -16.43
C ALA H 105 -22.54 25.13 -16.99
N ALA H 106 -22.76 23.97 -17.60
CA ALA H 106 -21.68 23.21 -18.19
C ALA H 106 -20.90 24.04 -19.21
N ILE H 107 -21.60 24.60 -20.19
CA ILE H 107 -20.92 25.43 -21.19
C ILE H 107 -20.07 26.50 -20.52
N ASN H 108 -20.66 27.24 -19.57
CA ASN H 108 -19.96 28.30 -18.85
C ASN H 108 -18.61 27.89 -18.20
N ALA H 109 -18.59 26.73 -17.55
CA ALA H 109 -17.38 26.21 -16.90
C ALA H 109 -16.34 25.70 -17.91
N VAL H 110 -16.83 25.17 -19.04
CA VAL H 110 -15.95 24.67 -20.08
C VAL H 110 -15.22 25.85 -20.71
N LEU H 111 -15.93 26.93 -21.01
CA LEU H 111 -15.31 28.10 -21.59
C LEU H 111 -14.39 28.75 -20.57
N ALA H 112 -14.69 28.55 -19.29
CA ALA H 112 -13.90 29.13 -18.21
C ALA H 112 -12.58 28.40 -18.03
N ALA H 113 -12.68 27.08 -17.93
CA ALA H 113 -11.51 26.20 -17.80
C ALA H 113 -10.61 26.36 -19.02
N LYS H 114 -11.24 26.59 -20.17
CA LYS H 114 -10.53 26.76 -21.43
C LYS H 114 -9.57 27.92 -21.32
N GLU H 115 -9.95 28.93 -20.54
CA GLU H 115 -9.10 30.11 -20.36
C GLU H 115 -7.85 29.75 -19.55
N VAL H 116 -8.04 29.10 -18.41
CA VAL H 116 -6.90 28.73 -17.58
C VAL H 116 -5.99 27.72 -18.29
N PHE H 117 -6.56 26.93 -19.19
CA PHE H 117 -5.84 25.90 -19.97
C PHE H 117 -4.83 26.47 -20.94
N THR H 118 -4.98 27.75 -21.27
CA THR H 118 -4.10 28.39 -22.24
C THR H 118 -3.29 29.51 -21.65
N GLU H 119 -2.63 29.36 -20.51
CA GLU H 119 -1.99 30.59 -20.11
C GLU H 119 -0.51 30.64 -20.18
N ASN H 120 -0.21 30.44 -21.45
CA ASN H 120 1.07 30.37 -22.09
C ASN H 120 1.18 29.01 -22.79
N GLU I 2 -11.77 -22.13 26.49
CA GLU I 2 -10.32 -21.79 26.31
C GLU I 2 -9.38 -22.58 27.23
N ARG I 3 -8.44 -23.29 26.63
CA ARG I 3 -7.45 -24.06 27.37
C ARG I 3 -6.14 -23.26 27.25
N TYR I 4 -6.28 -21.95 27.49
CA TYR I 4 -5.20 -20.97 27.46
C TYR I 4 -4.40 -21.12 28.74
N ARG I 5 -4.99 -21.82 29.70
CA ARG I 5 -4.37 -22.05 30.98
C ARG I 5 -3.09 -22.86 30.73
N ARG I 6 -3.11 -23.66 29.68
CA ARG I 6 -1.97 -24.51 29.29
C ARG I 6 -0.73 -23.71 28.92
N GLY I 7 -0.81 -22.94 27.85
CA GLY I 7 0.30 -22.12 27.41
C GLY I 7 0.93 -21.41 28.59
N MSE I 8 0.09 -21.03 29.55
CA MSE I 8 0.56 -20.33 30.75
C MSE I 8 1.37 -21.25 31.66
O MSE I 8 2.41 -20.85 32.20
CB MSE I 8 -0.63 -19.76 31.52
CG MSE I 8 -1.27 -18.56 30.86
SE MSE I 8 -0.05 -17.08 30.72
CE MSE I 8 0.56 -17.30 28.91
N GLU I 9 0.90 -22.48 31.83
CA GLU I 9 1.60 -23.45 32.67
C GLU I 9 3.03 -23.58 32.17
N ILE I 10 3.21 -23.30 30.88
CA ILE I 10 4.51 -23.38 30.23
C ILE I 10 5.34 -22.11 30.38
N LEU I 11 4.70 -20.96 30.20
CA LEU I 11 5.40 -19.68 30.29
C LEU I 11 5.94 -19.35 31.68
N ASN I 12 5.11 -19.51 32.71
CA ASN I 12 5.51 -19.19 34.07
C ASN I 12 6.69 -19.99 34.64
N ARG I 13 7.06 -21.08 33.98
CA ARG I 13 8.18 -21.89 34.46
C ARG I 13 9.38 -21.86 33.55
N MSE I 14 9.37 -21.00 32.54
CA MSE I 14 10.50 -20.92 31.62
C MSE I 14 10.89 -19.49 31.29
O MSE I 14 12.08 -19.18 31.16
CB MSE I 14 10.20 -21.64 30.31
CG MSE I 14 11.38 -21.59 29.35
SE MSE I 14 10.92 -22.15 27.57
CE MSE I 14 10.15 -20.48 26.93
N ASN I 15 9.89 -18.63 31.15
CA ASN I 15 10.12 -17.23 30.83
C ASN I 15 8.98 -16.36 31.39
N ARG I 16 8.77 -16.43 32.70
CA ARG I 16 7.70 -15.68 33.36
C ARG I 16 7.88 -14.17 33.33
N LYS I 17 9.07 -13.69 33.65
CA LYS I 17 9.33 -12.25 33.67
C LYS I 17 9.03 -11.62 32.31
N SER I 18 9.39 -12.32 31.23
CA SER I 18 9.16 -11.81 29.89
C SER I 18 7.69 -11.64 29.53
N TYR I 19 6.91 -12.72 29.53
CA TYR I 19 5.48 -12.63 29.19
C TYR I 19 4.77 -11.66 30.11
N THR I 20 5.32 -11.49 31.31
CA THR I 20 4.74 -10.56 32.25
C THR I 20 4.95 -9.16 31.69
N ALA I 21 6.14 -8.94 31.14
CA ALA I 21 6.46 -7.66 30.53
C ALA I 21 5.72 -7.53 29.21
N ILE I 22 5.42 -8.66 28.59
CA ILE I 22 4.70 -8.68 27.31
C ILE I 22 3.34 -8.05 27.50
N ARG I 23 2.73 -8.30 28.66
CA ARG I 23 1.42 -7.74 28.94
C ARG I 23 1.50 -6.24 29.17
N ASP I 24 2.74 -5.81 29.30
CA ASP I 24 2.93 -4.35 29.39
C ASP I 24 2.84 -3.78 27.98
N GLU I 25 2.01 -4.46 27.20
CA GLU I 25 1.63 -4.11 25.86
C GLU I 25 0.13 -4.49 25.79
N LEU I 26 -0.25 -5.30 26.76
CA LEU I 26 -1.60 -5.80 26.89
C LEU I 26 -2.42 -4.68 27.52
N GLU I 27 -2.52 -3.53 26.85
CA GLU I 27 -3.30 -2.47 27.49
C GLU I 27 -3.99 -1.34 26.76
N ASP I 28 -3.39 -0.75 25.73
CA ASP I 28 -4.09 0.34 25.05
C ASP I 28 -4.08 0.00 23.59
N VAL I 29 -3.49 -1.16 23.34
CA VAL I 29 -3.27 -1.68 22.01
C VAL I 29 -4.00 -2.94 21.66
N ALA I 30 -3.25 -4.02 21.88
CA ALA I 30 -3.64 -5.36 21.56
C ALA I 30 -3.54 -6.30 22.72
N PRO I 31 -4.57 -6.39 23.54
CA PRO I 31 -4.17 -7.39 24.52
C PRO I 31 -4.43 -8.76 23.90
N ASP I 32 -5.20 -8.77 22.82
CA ASP I 32 -5.55 -9.99 22.12
C ASP I 32 -4.30 -10.65 21.55
N LEU I 33 -3.34 -9.82 21.16
CA LEU I 33 -2.08 -10.31 20.61
C LEU I 33 -1.34 -11.06 21.71
N ALA I 34 -1.13 -10.41 22.84
CA ALA I 34 -0.48 -11.06 23.97
C ALA I 34 -1.26 -12.34 24.26
N ARG I 35 -2.56 -12.28 24.09
CA ARG I 35 -3.39 -13.45 24.34
C ARG I 35 -2.97 -14.59 23.42
N PHE I 36 -2.99 -14.31 22.13
CA PHE I 36 -2.61 -15.31 21.12
C PHE I 36 -1.21 -15.90 21.35
N VAL I 37 -0.29 -15.07 21.81
CA VAL I 37 1.07 -15.52 22.03
C VAL I 37 1.10 -16.45 23.23
N ALA I 38 -0.04 -17.05 23.53
CA ALA I 38 -0.12 -17.96 24.66
C ALA I 38 -0.97 -19.17 24.39
N GLU I 39 -2.08 -19.01 23.67
CA GLU I 39 -2.94 -20.15 23.40
C GLU I 39 -2.61 -20.81 22.09
N PHE I 40 -1.82 -20.15 21.27
CA PHE I 40 -1.42 -20.69 19.98
C PHE I 40 0.09 -20.84 19.88
N ALA I 41 0.82 -19.89 20.46
CA ALA I 41 2.27 -19.95 20.38
C ALA I 41 2.84 -21.01 21.31
N TYR I 42 2.57 -20.89 22.60
CA TYR I 42 3.09 -21.85 23.57
C TYR I 42 2.06 -22.91 23.99
N GLY I 43 0.80 -22.68 23.63
CA GLY I 43 -0.22 -23.64 24.02
C GLY I 43 -0.75 -24.48 22.88
N ASP I 44 -0.16 -24.37 21.71
CA ASP I 44 -0.65 -25.14 20.58
C ASP I 44 0.49 -25.66 19.72
N VAL I 45 1.66 -25.06 19.87
CA VAL I 45 2.84 -25.47 19.12
C VAL I 45 3.82 -26.04 20.13
N TYR I 46 4.18 -25.24 21.13
CA TYR I 46 5.10 -25.74 22.15
C TYR I 46 4.45 -26.86 22.95
N SER I 47 3.14 -26.78 23.17
CA SER I 47 2.41 -27.78 23.94
C SER I 47 2.81 -29.20 23.50
N ARG I 48 2.76 -29.46 22.19
CA ARG I 48 3.11 -30.78 21.66
C ARG I 48 4.55 -31.07 22.00
N GLY I 49 5.11 -32.16 21.49
CA GLY I 49 6.49 -32.43 21.84
C GLY I 49 7.24 -33.58 21.18
N VAL I 50 7.78 -33.32 20.01
CA VAL I 50 8.56 -34.31 19.29
C VAL I 50 9.99 -33.82 19.50
N LEU I 51 10.09 -32.66 20.14
CA LEU I 51 11.38 -32.02 20.39
C LEU I 51 11.37 -31.47 21.81
N ASP I 52 12.49 -31.63 22.52
CA ASP I 52 12.61 -31.11 23.89
C ASP I 52 12.41 -29.59 23.93
N LEU I 53 12.16 -29.08 25.12
CA LEU I 53 11.95 -27.66 25.31
C LEU I 53 13.25 -26.89 25.07
N LYS I 54 14.37 -27.46 25.49
CA LYS I 54 15.68 -26.83 25.30
C LYS I 54 15.99 -26.66 23.81
N THR I 55 15.56 -27.64 23.03
CA THR I 55 15.77 -27.64 21.60
C THR I 55 14.95 -26.53 20.95
N ARG I 56 13.64 -26.57 21.18
CA ARG I 56 12.74 -25.55 20.62
C ARG I 56 13.21 -24.13 20.87
N GLU I 57 13.74 -23.85 22.05
CA GLU I 57 14.22 -22.51 22.35
C GLU I 57 15.44 -22.13 21.50
N LEU I 58 16.18 -23.15 21.07
CA LEU I 58 17.36 -22.96 20.25
C LEU I 58 16.95 -22.73 18.82
N LEU I 59 16.00 -23.52 18.34
CA LEU I 59 15.50 -23.38 16.97
C LEU I 59 14.93 -21.98 16.79
N THR I 60 14.37 -21.45 17.88
CA THR I 60 13.80 -20.12 17.86
C THR I 60 14.92 -19.12 17.67
N LEU I 61 16.02 -19.39 18.34
CA LEU I 61 17.16 -18.51 18.26
C LEU I 61 17.62 -18.40 16.84
N ALA I 62 17.69 -19.54 16.18
CA ALA I 62 18.13 -19.61 14.79
C ALA I 62 17.22 -18.78 13.92
N ALA I 63 15.91 -18.88 14.14
CA ALA I 63 14.96 -18.11 13.35
C ALA I 63 15.09 -16.60 13.61
N LEU I 64 15.15 -16.24 14.89
CA LEU I 64 15.24 -14.84 15.25
C LEU I 64 16.56 -14.21 14.82
N THR I 65 17.56 -15.02 14.56
CA THR I 65 18.84 -14.48 14.11
C THR I 65 18.79 -14.02 12.65
N VAL I 66 18.16 -14.85 11.80
CA VAL I 66 18.01 -14.54 10.38
C VAL I 66 17.16 -13.27 10.25
N LEU I 67 16.07 -13.21 11.00
CA LEU I 67 15.17 -12.07 11.00
C LEU I 67 15.77 -10.80 11.58
N ARG I 68 16.82 -10.94 12.39
CA ARG I 68 17.46 -9.81 13.06
C ARG I 68 16.50 -9.17 14.05
N ALA I 69 15.69 -9.99 14.72
CA ALA I 69 14.72 -9.49 15.69
C ALA I 69 15.34 -9.38 17.08
N ASP I 70 16.13 -8.34 17.25
CA ASP I 70 16.84 -8.04 18.48
C ASP I 70 16.06 -8.30 19.77
N ASP I 71 15.05 -7.48 20.01
CA ASP I 71 14.25 -7.59 21.21
C ASP I 71 13.65 -8.98 21.44
N GLN I 72 13.02 -9.53 20.43
CA GLN I 72 12.44 -10.87 20.58
C GLN I 72 13.55 -11.91 20.85
N LEU I 73 14.66 -11.79 20.12
CA LEU I 73 15.79 -12.71 20.26
C LEU I 73 16.29 -12.67 21.69
N LYS I 74 16.56 -11.46 22.16
CA LYS I 74 17.06 -11.19 23.50
C LYS I 74 16.21 -11.96 24.51
N SER I 75 14.91 -11.74 24.42
CA SER I 75 13.93 -12.38 25.31
C SER I 75 14.04 -13.89 25.30
N HIS I 76 14.28 -14.47 24.13
CA HIS I 76 14.38 -15.91 24.02
C HIS I 76 15.65 -16.51 24.56
N VAL I 77 16.71 -15.71 24.67
CA VAL I 77 17.96 -16.21 25.22
C VAL I 77 17.73 -16.61 26.68
N ARG I 78 17.05 -15.75 27.44
CA ARG I 78 16.76 -16.05 28.85
C ARG I 78 15.95 -17.32 28.87
N GLY I 79 14.93 -17.35 28.01
CA GLY I 79 14.06 -18.49 27.94
C GLY I 79 14.83 -19.78 27.83
N ALA I 80 15.83 -19.77 26.94
CA ALA I 80 16.67 -20.94 26.73
C ALA I 80 17.48 -21.25 27.98
N LEU I 81 18.11 -20.23 28.57
CA LEU I 81 18.91 -20.42 29.77
C LEU I 81 18.06 -21.12 30.84
N ASN I 82 16.97 -20.47 31.24
CA ASN I 82 16.07 -21.04 32.23
C ASN I 82 15.71 -22.47 31.85
N ALA I 83 15.51 -22.72 30.56
CA ALA I 83 15.13 -24.04 30.09
C ALA I 83 16.20 -25.10 30.34
N GLY I 84 17.46 -24.68 30.37
CA GLY I 84 18.54 -25.63 30.61
C GLY I 84 19.67 -25.61 29.59
N CYS I 85 19.82 -24.49 28.88
CA CYS I 85 20.89 -24.38 27.90
C CYS I 85 22.03 -23.55 28.48
N SER I 86 23.25 -23.87 28.06
CA SER I 86 24.43 -23.16 28.52
C SER I 86 24.71 -22.06 27.53
N LYS I 87 25.60 -21.13 27.88
CA LYS I 87 25.95 -20.05 26.97
C LYS I 87 26.70 -20.61 25.79
N ASP I 88 27.32 -21.78 26.00
CA ASP I 88 28.09 -22.42 24.97
C ASP I 88 27.21 -22.83 23.82
N GLU I 89 26.06 -23.42 24.14
CA GLU I 89 25.13 -23.84 23.10
C GLU I 89 24.49 -22.65 22.41
N ILE I 90 23.97 -21.73 23.20
CA ILE I 90 23.31 -20.52 22.69
C ILE I 90 24.18 -19.80 21.65
N ILE I 91 25.49 -19.91 21.79
CA ILE I 91 26.35 -19.23 20.84
C ILE I 91 26.78 -20.09 19.67
N GLU I 92 26.87 -21.40 19.87
CA GLU I 92 27.28 -22.27 18.78
C GLU I 92 26.27 -22.24 17.63
N VAL I 93 25.01 -21.94 17.95
CA VAL I 93 23.97 -21.87 16.95
C VAL I 93 23.99 -20.51 16.25
N MSE I 94 24.43 -19.47 16.94
CA MSE I 94 24.50 -18.16 16.30
C MSE I 94 25.73 -18.09 15.39
O MSE I 94 25.80 -17.25 14.49
CB MSE I 94 24.54 -17.06 17.35
CG MSE I 94 23.38 -17.16 18.31
SE MSE I 94 23.16 -15.63 19.43
CE MSE I 94 24.87 -15.62 20.30
N ILE I 95 26.68 -18.98 15.62
CA ILE I 95 27.89 -19.04 14.82
C ILE I 95 27.55 -19.82 13.56
N GLN I 96 26.77 -20.88 13.71
CA GLN I 96 26.37 -21.72 12.59
C GLN I 96 25.50 -20.91 11.62
N MSE I 97 24.95 -19.82 12.13
CA MSE I 97 24.10 -18.95 11.34
C MSE I 97 24.88 -18.09 10.35
O MSE I 97 24.34 -17.68 9.33
CB MSE I 97 23.27 -18.06 12.25
CG MSE I 97 22.16 -18.78 12.98
SE MSE I 97 20.98 -19.68 11.75
CE MSE I 97 21.66 -21.49 11.96
N ALA I 98 26.14 -17.82 10.64
CA ALA I 98 26.93 -17.01 9.72
C ALA I 98 26.98 -17.73 8.38
N VAL I 99 26.86 -19.05 8.44
CA VAL I 99 26.91 -19.88 7.23
C VAL I 99 25.67 -19.74 6.33
N TYR I 100 24.48 -19.70 6.94
CA TYR I 100 23.24 -19.63 6.19
C TYR I 100 22.59 -18.29 6.07
N ALA I 101 22.72 -17.46 7.11
CA ALA I 101 22.15 -16.12 7.09
C ALA I 101 23.22 -15.11 6.79
N GLY I 102 24.47 -15.49 7.00
CA GLY I 102 25.57 -14.57 6.75
C GLY I 102 26.24 -14.06 8.00
N PHE I 103 27.36 -13.36 7.84
CA PHE I 103 28.09 -12.85 8.98
C PHE I 103 27.43 -11.75 9.81
N PRO I 104 26.92 -10.68 9.17
CA PRO I 104 26.29 -9.61 9.95
C PRO I 104 25.18 -10.17 10.83
N ALA I 105 24.46 -11.14 10.29
CA ALA I 105 23.38 -11.72 11.05
C ALA I 105 23.91 -12.37 12.30
N ALA I 106 25.01 -13.10 12.16
CA ALA I 106 25.63 -13.79 13.30
C ALA I 106 26.17 -12.77 14.28
N ILE I 107 26.97 -11.83 13.78
CA ILE I 107 27.55 -10.79 14.61
C ILE I 107 26.50 -10.12 15.49
N ASN I 108 25.39 -9.71 14.87
CA ASN I 108 24.32 -9.04 15.60
C ASN I 108 23.67 -9.90 16.69
N ALA I 109 23.27 -11.13 16.33
CA ALA I 109 22.64 -12.04 17.28
C ALA I 109 23.48 -12.29 18.53
N VAL I 110 24.79 -12.42 18.33
CA VAL I 110 25.76 -12.67 19.38
C VAL I 110 25.86 -11.47 20.31
N LEU I 111 26.11 -10.31 19.72
CA LEU I 111 26.21 -9.09 20.48
C LEU I 111 24.95 -8.93 21.34
N ALA I 112 23.84 -9.41 20.80
CA ALA I 112 22.56 -9.33 21.49
C ALA I 112 22.47 -10.28 22.70
N ALA I 113 22.86 -11.54 22.50
CA ALA I 113 22.81 -12.52 23.59
C ALA I 113 23.81 -12.16 24.66
N LYS I 114 24.78 -11.33 24.31
CA LYS I 114 25.76 -10.92 25.29
C LYS I 114 25.02 -10.11 26.35
N GLU I 115 24.36 -9.03 25.94
CA GLU I 115 23.62 -8.19 26.87
C GLU I 115 22.87 -9.05 27.89
N VAL I 116 22.02 -9.92 27.39
CA VAL I 116 21.24 -10.78 28.26
C VAL I 116 22.17 -11.47 29.24
N PHE I 117 23.26 -12.04 28.73
CA PHE I 117 24.26 -12.75 29.55
C PHE I 117 24.82 -11.91 30.68
N THR I 118 25.31 -10.74 30.30
CA THR I 118 25.92 -9.79 31.19
C THR I 118 25.10 -9.21 32.34
N GLU I 119 23.83 -8.90 32.12
CA GLU I 119 23.06 -8.28 33.20
C GLU I 119 22.50 -9.09 34.36
N ASN I 120 23.31 -9.99 34.90
CA ASN I 120 22.92 -10.76 36.08
C ASN I 120 23.63 -10.03 37.23
N ASP I 121 24.25 -8.91 36.86
CA ASP I 121 24.98 -8.03 37.76
C ASP I 121 25.67 -6.99 36.90
#